data_6J6A
#
_entry.id   6J6A
#
_cell.length_a   104.497
_cell.length_b   104.497
_cell.length_c   253.927
_cell.angle_alpha   90.00
_cell.angle_beta   90.00
_cell.angle_gamma   90.00
#
_symmetry.space_group_name_H-M   'P 43 21 2'
#
loop_
_entity.id
_entity.type
_entity.pdbx_description
1 polymer 'Zinc-dependent protease, TldD/PmbA family'
2 water water
#
_entity_poly.entity_id   1
_entity_poly.type   'polypeptide(L)'
_entity_poly.pdbx_seq_one_letter_code
;AAMENLIRFGEKFFDELEIAVYRSRDIEASVELNEISMASTRSGALTIIRGIKDKRLGLAIVDSDEPEKVKEAIEQAAKM
AKLNSPDEKWVSLPEPGKYREKPKPNYELKEASPDILVEKLVKGIKLAREKDKNAVVAGGAGGVSWEERHVLNSHGLDVF
QEGGAAYMYLEIVGRKGSVVTPGIFDFDARRDLNLDVEGIVERAVQKVQWAYNVVPSKNEEVPLIFGPWAIAGLFSYTLL
PAFSGERLVKETTPLAGKVGEKIASEVITLYDDPFHPLSLRPTIADDEGVPTRKNVLIENGAFKGFVWDNYWAKIYGTES
TGNGKRDIRSGGINIGFHSVVIENGKRSLEDIIGEIDRGYLVDGLQGAHSSNPDNGNFAVTANPAFLIEDGEVKGSAVFL
IAGNVYELLQQASEVSKEQTVMPFMNTMITPHIKFENVKIAGK
;
_entity_poly.pdbx_strand_id   A,B
#
# COMPACT_ATOMS: atom_id res chain seq x y z
N ALA A 1 -29.35 24.42 -4.20
CA ALA A 1 -29.06 24.25 -5.62
C ALA A 1 -27.60 24.60 -5.91
N ALA A 2 -26.69 24.09 -5.06
CA ALA A 2 -25.29 24.48 -5.11
C ALA A 2 -24.55 23.88 -6.31
N MET A 3 -24.71 22.58 -6.52
CA MET A 3 -23.91 21.89 -7.53
C MET A 3 -24.35 22.32 -8.92
N GLU A 4 -25.62 22.69 -9.06
CA GLU A 4 -26.17 23.25 -10.28
C GLU A 4 -25.40 24.52 -10.66
N ASN A 5 -25.21 25.41 -9.67
CA ASN A 5 -24.49 26.66 -9.91
C ASN A 5 -23.01 26.40 -10.15
N LEU A 6 -22.46 25.36 -9.52
CA LEU A 6 -21.05 25.03 -9.75
C LEU A 6 -20.81 24.54 -11.17
N ILE A 7 -21.74 23.77 -11.73
CA ILE A 7 -21.57 23.40 -13.15
C ILE A 7 -21.65 24.63 -14.01
N ARG A 8 -22.60 25.52 -13.72
CA ARG A 8 -22.69 26.75 -14.52
C ARG A 8 -21.38 27.52 -14.47
N PHE A 9 -20.78 27.61 -13.27
CA PHE A 9 -19.50 28.32 -13.12
C PHE A 9 -18.39 27.64 -13.92
N GLY A 10 -18.30 26.31 -13.84
CA GLY A 10 -17.25 25.61 -14.57
C GLY A 10 -17.39 25.76 -16.08
N GLU A 11 -18.62 25.86 -16.58
CA GLU A 11 -18.82 25.99 -18.02
C GLU A 11 -18.21 27.28 -18.59
N LYS A 12 -17.82 28.23 -17.73
CA LYS A 12 -17.09 29.40 -18.23
C LYS A 12 -15.70 29.05 -18.71
N PHE A 13 -15.06 28.00 -18.14
CA PHE A 13 -13.70 27.64 -18.51
C PHE A 13 -13.59 26.40 -19.39
N PHE A 14 -14.62 25.57 -19.49
CA PHE A 14 -14.49 24.27 -20.11
C PHE A 14 -15.54 24.07 -21.18
N ASP A 15 -15.17 23.28 -22.20
CA ASP A 15 -16.16 22.74 -23.12
C ASP A 15 -17.13 21.84 -22.38
N GLU A 16 -16.62 20.97 -21.52
CA GLU A 16 -17.47 20.10 -20.70
C GLU A 16 -16.75 19.80 -19.39
N LEU A 17 -17.52 19.52 -18.34
CA LEU A 17 -16.88 19.14 -17.10
C LEU A 17 -17.77 18.19 -16.34
N GLU A 18 -17.15 17.46 -15.40
CA GLU A 18 -17.79 16.53 -14.50
C GLU A 18 -17.40 16.88 -13.07
N ILE A 19 -18.37 16.86 -12.16
CA ILE A 19 -18.14 17.02 -10.73
C ILE A 19 -18.65 15.75 -10.04
N ALA A 20 -17.75 15.10 -9.28
CA ALA A 20 -18.09 13.92 -8.48
C ALA A 20 -17.75 14.21 -7.03
N VAL A 21 -18.73 14.08 -6.15
CA VAL A 21 -18.59 14.29 -4.71
C VAL A 21 -18.76 12.95 -4.02
N TYR A 22 -17.75 12.56 -3.23
CA TYR A 22 -17.76 11.34 -2.43
C TYR A 22 -17.82 11.69 -0.96
N ARG A 23 -18.65 10.97 -0.22
CA ARG A 23 -18.78 11.17 1.21
C ARG A 23 -18.68 9.79 1.87
N SER A 24 -18.10 9.74 3.06
CA SER A 24 -17.97 8.45 3.71
C SER A 24 -17.92 8.60 5.21
N ARG A 25 -18.31 7.53 5.88
CA ARG A 25 -18.11 7.34 7.31
C ARG A 25 -17.63 5.91 7.51
N ASP A 26 -16.48 5.74 8.14
CA ASP A 26 -15.90 4.43 8.36
C ASP A 26 -15.63 4.25 9.85
N ILE A 27 -16.02 3.11 10.38
CA ILE A 27 -15.58 2.69 11.71
C ILE A 27 -14.75 1.43 11.54
N GLU A 28 -13.75 1.29 12.39
CA GLU A 28 -12.83 0.17 12.33
C GLU A 28 -12.41 -0.24 13.74
N ALA A 29 -12.04 -1.50 13.88
CA ALA A 29 -11.42 -1.97 15.09
C ALA A 29 -10.45 -3.07 14.74
N SER A 30 -9.43 -3.25 15.58
CA SER A 30 -8.32 -4.18 15.34
C SER A 30 -8.05 -5.04 16.56
N VAL A 31 -7.49 -6.21 16.30
CA VAL A 31 -6.98 -7.08 17.34
C VAL A 31 -5.54 -7.47 16.99
N GLU A 32 -4.69 -7.46 18.01
CA GLU A 32 -3.31 -7.94 17.92
C GLU A 32 -3.09 -8.87 19.10
N LEU A 33 -2.76 -10.13 18.82
CA LEU A 33 -2.33 -11.08 19.84
C LEU A 33 -3.31 -11.16 21.00
N ASN A 34 -4.57 -11.42 20.67
CA ASN A 34 -5.67 -11.59 21.64
C ASN A 34 -5.98 -10.34 22.46
N GLU A 35 -5.54 -9.16 22.02
CA GLU A 35 -5.93 -7.90 22.64
C GLU A 35 -6.59 -7.01 21.59
N ILE A 36 -7.63 -6.27 21.98
CA ILE A 36 -8.14 -5.21 21.11
C ILE A 36 -7.08 -4.12 21.05
N SER A 37 -6.61 -3.81 19.85
CA SER A 37 -5.54 -2.83 19.75
C SER A 37 -5.96 -1.45 19.23
N MET A 38 -7.16 -1.29 18.66
CA MET A 38 -7.51 0.01 18.11
C MET A 38 -9.01 0.05 17.80
N ALA A 39 -9.63 1.21 18.00
CA ALA A 39 -10.94 1.53 17.44
C ALA A 39 -10.89 2.93 16.86
N SER A 40 -11.46 3.12 15.67
CA SER A 40 -11.42 4.44 15.05
C SER A 40 -12.75 4.76 14.37
N THR A 41 -12.99 6.05 14.24
CA THR A 41 -14.13 6.61 13.51
C THR A 41 -13.59 7.70 12.61
N ARG A 42 -13.90 7.62 11.33
CA ARG A 42 -13.49 8.59 10.34
C ARG A 42 -14.70 9.01 9.51
N SER A 43 -14.74 10.28 9.12
CA SER A 43 -15.74 10.70 8.15
C SER A 43 -15.20 11.91 7.41
N GLY A 44 -15.65 12.08 6.18
CA GLY A 44 -15.17 13.19 5.37
C GLY A 44 -15.83 13.20 4.01
N ALA A 45 -15.45 14.19 3.22
CA ALA A 45 -15.96 14.42 1.89
C ALA A 45 -14.79 14.66 0.94
N LEU A 46 -15.02 14.36 -0.32
CA LEU A 46 -13.99 14.54 -1.32
C LEU A 46 -14.69 14.89 -2.62
N THR A 47 -14.19 15.91 -3.32
CA THR A 47 -14.74 16.34 -4.59
C THR A 47 -13.67 16.26 -5.66
N ILE A 48 -14.03 15.71 -6.83
CA ILE A 48 -13.13 15.59 -7.98
C ILE A 48 -13.75 16.33 -9.16
N ILE A 49 -12.94 17.14 -9.83
CA ILE A 49 -13.32 17.89 -11.02
C ILE A 49 -12.52 17.36 -12.19
N ARG A 50 -13.23 16.98 -13.26
CA ARG A 50 -12.63 16.68 -14.55
C ARG A 50 -13.19 17.69 -15.55
N GLY A 51 -12.34 18.57 -16.07
CA GLY A 51 -12.74 19.56 -17.06
C GLY A 51 -11.97 19.40 -18.34
N ILE A 52 -12.63 19.58 -19.47
CA ILE A 52 -11.99 19.43 -20.77
C ILE A 52 -12.20 20.71 -21.57
N LYS A 53 -11.11 21.27 -22.08
CA LYS A 53 -11.14 22.44 -22.94
C LYS A 53 -10.26 22.17 -24.15
N ASP A 54 -10.88 22.12 -25.34
CA ASP A 54 -10.16 21.80 -26.59
C ASP A 54 -9.38 20.50 -26.43
N LYS A 55 -10.05 19.49 -25.88
CA LYS A 55 -9.49 18.16 -25.68
C LYS A 55 -8.29 18.16 -24.72
N ARG A 56 -8.14 19.19 -23.89
CA ARG A 56 -7.13 19.22 -22.85
C ARG A 56 -7.80 18.99 -21.51
N LEU A 57 -7.28 18.06 -20.73
CA LEU A 57 -7.94 17.61 -19.51
C LEU A 57 -7.28 18.24 -18.29
N GLY A 58 -8.11 18.78 -17.40
CA GLY A 58 -7.65 19.22 -16.10
C GLY A 58 -8.39 18.44 -15.03
N LEU A 59 -7.68 17.98 -14.00
CA LEU A 59 -8.28 17.17 -12.95
C LEU A 59 -7.81 17.69 -11.59
N ALA A 60 -8.74 18.10 -10.74
CA ALA A 60 -8.36 18.61 -9.44
C ALA A 60 -9.21 17.95 -8.35
N ILE A 61 -8.62 17.79 -7.18
CA ILE A 61 -9.24 17.07 -6.06
C ILE A 61 -9.14 17.92 -4.81
N VAL A 62 -10.23 18.00 -4.04
CA VAL A 62 -10.18 18.62 -2.72
C VAL A 62 -10.99 17.77 -1.75
N ASP A 63 -10.48 17.62 -0.53
CA ASP A 63 -11.18 16.82 0.46
C ASP A 63 -12.28 17.63 1.16
N SER A 64 -13.18 18.22 0.38
CA SER A 64 -14.26 19.02 0.92
C SER A 64 -15.39 19.04 -0.11
N ASP A 65 -16.61 19.28 0.37
CA ASP A 65 -17.76 19.53 -0.49
C ASP A 65 -18.32 20.94 -0.33
N GLU A 66 -17.59 21.82 0.35
CA GLU A 66 -18.19 23.16 0.46
C GLU A 66 -17.99 23.95 -0.83
N PRO A 67 -19.01 24.72 -1.25
CA PRO A 67 -18.96 25.32 -2.59
C PRO A 67 -17.72 26.16 -2.86
N GLU A 68 -17.18 26.87 -1.87
CA GLU A 68 -15.99 27.68 -2.13
C GLU A 68 -14.78 26.81 -2.46
N LYS A 69 -14.61 25.70 -1.75
CA LYS A 69 -13.52 24.77 -2.08
C LYS A 69 -13.72 24.13 -3.46
N VAL A 70 -14.96 23.81 -3.81
CA VAL A 70 -15.22 23.22 -5.12
C VAL A 70 -14.94 24.24 -6.23
N LYS A 71 -15.27 25.51 -5.99
CA LYS A 71 -14.95 26.57 -6.96
C LYS A 71 -13.44 26.69 -7.13
N GLU A 72 -12.70 26.65 -6.01
CA GLU A 72 -11.24 26.67 -6.10
C GLU A 72 -10.72 25.48 -6.91
N ALA A 73 -11.33 24.30 -6.75
CA ALA A 73 -10.88 23.13 -7.50
C ALA A 73 -11.19 23.26 -8.99
N ILE A 74 -12.34 23.85 -9.32
CA ILE A 74 -12.63 24.13 -10.72
C ILE A 74 -11.56 25.04 -11.32
N GLU A 75 -11.19 26.08 -10.59
CA GLU A 75 -10.15 26.98 -11.09
C GLU A 75 -8.82 26.24 -11.25
N GLN A 76 -8.49 25.39 -10.29
CA GLN A 76 -7.29 24.55 -10.35
C GLN A 76 -7.28 23.68 -11.61
N ALA A 77 -8.40 23.02 -11.89
CA ALA A 77 -8.49 22.17 -13.07
C ALA A 77 -8.38 22.98 -14.36
N ALA A 78 -8.99 24.17 -14.41
CA ALA A 78 -8.90 24.98 -15.62
C ALA A 78 -7.48 25.42 -15.89
N LYS A 79 -6.75 25.77 -14.84
CA LYS A 79 -5.37 26.19 -15.00
C LYS A 79 -4.50 25.02 -15.49
N MET A 80 -4.75 23.81 -14.97
CA MET A 80 -4.04 22.62 -15.43
C MET A 80 -4.37 22.32 -16.89
N ALA A 81 -5.65 22.39 -17.27
CA ALA A 81 -6.03 22.13 -18.65
C ALA A 81 -5.34 23.11 -19.59
N LYS A 82 -5.25 24.38 -19.19
CA LYS A 82 -4.58 25.32 -20.09
C LYS A 82 -3.09 25.02 -20.21
N LEU A 83 -2.48 24.35 -19.22
CA LEU A 83 -1.08 23.92 -19.39
C LEU A 83 -0.89 22.58 -20.11
N ASN A 84 -1.93 21.79 -20.31
CA ASN A 84 -1.77 20.45 -20.87
C ASN A 84 -1.81 20.49 -22.40
N SER A 85 -1.28 19.40 -23.04
CA SER A 85 -1.46 19.27 -24.48
C SER A 85 -2.73 18.50 -24.80
N PRO A 86 -3.34 18.71 -25.97
CA PRO A 86 -4.60 18.03 -26.29
C PRO A 86 -4.44 16.52 -26.43
N ASP A 87 -5.48 15.81 -26.00
CA ASP A 87 -5.59 14.36 -26.22
C ASP A 87 -6.51 14.14 -27.41
N GLU A 88 -5.91 13.78 -28.56
CA GLU A 88 -6.71 13.67 -29.78
C GLU A 88 -7.74 12.56 -29.67
N LYS A 89 -7.46 11.53 -28.87
CA LYS A 89 -8.40 10.43 -28.69
C LYS A 89 -9.60 10.78 -27.83
N TRP A 90 -9.59 11.92 -27.15
CA TRP A 90 -10.77 12.30 -26.36
C TRP A 90 -11.94 12.63 -27.27
N VAL A 91 -13.15 12.23 -26.86
CA VAL A 91 -14.36 12.52 -27.62
C VAL A 91 -15.35 13.32 -26.77
N SER A 92 -15.86 12.74 -25.68
CA SER A 92 -16.79 13.47 -24.82
C SER A 92 -17.04 12.68 -23.54
N LEU A 93 -17.61 13.38 -22.55
CA LEU A 93 -18.08 12.78 -21.32
C LEU A 93 -19.38 12.03 -21.60
N PRO A 94 -19.82 11.19 -20.67
CA PRO A 94 -21.08 10.46 -20.86
C PRO A 94 -22.30 11.36 -20.92
N GLU A 95 -23.28 10.94 -21.72
CA GLU A 95 -24.59 11.57 -21.73
C GLU A 95 -25.45 11.02 -20.60
N PRO A 96 -26.51 11.71 -20.22
CA PRO A 96 -27.45 11.12 -19.26
C PRO A 96 -27.94 9.77 -19.73
N GLY A 97 -28.21 8.87 -18.79
CA GLY A 97 -28.66 7.55 -19.13
C GLY A 97 -29.82 7.10 -18.26
N LYS A 98 -30.38 5.94 -18.62
CA LYS A 98 -31.48 5.34 -17.87
C LYS A 98 -30.91 4.33 -16.89
N TYR A 99 -31.24 4.49 -15.61
CA TYR A 99 -30.69 3.67 -14.54
C TYR A 99 -31.70 2.64 -14.06
N ARG A 100 -31.19 1.50 -13.61
CA ARG A 100 -32.00 0.55 -12.86
C ARG A 100 -32.51 1.20 -11.58
N GLU A 101 -33.51 0.58 -10.97
CA GLU A 101 -34.13 1.13 -9.78
C GLU A 101 -33.21 1.02 -8.57
N LYS A 102 -33.14 2.08 -7.79
CA LYS A 102 -32.27 2.11 -6.61
C LYS A 102 -32.82 1.23 -5.51
N PRO A 103 -32.01 0.38 -4.88
CA PRO A 103 -32.44 -0.31 -3.67
C PRO A 103 -32.49 0.61 -2.47
N LYS A 104 -33.22 0.17 -1.43
CA LYS A 104 -33.31 0.93 -0.20
C LYS A 104 -31.97 0.85 0.53
N PRO A 105 -31.41 1.98 0.99
CA PRO A 105 -30.14 1.92 1.73
C PRO A 105 -30.30 1.24 3.07
N ASN A 106 -29.20 0.63 3.52
CA ASN A 106 -29.12 -0.05 4.82
C ASN A 106 -28.60 0.93 5.89
N TYR A 107 -29.50 1.83 6.31
CA TYR A 107 -29.12 2.99 7.13
C TYR A 107 -28.58 2.61 8.49
N GLU A 108 -28.82 1.40 8.96
CA GLU A 108 -28.23 0.99 10.23
C GLU A 108 -26.70 1.07 10.16
N LEU A 109 -26.11 0.97 8.96
CA LEU A 109 -24.66 1.04 8.83
C LEU A 109 -24.16 2.49 8.74
N LYS A 110 -25.07 3.45 8.58
CA LYS A 110 -24.70 4.85 8.59
C LYS A 110 -24.53 5.36 10.02
N GLU A 111 -25.10 4.67 11.01
CA GLU A 111 -25.05 5.12 12.40
C GLU A 111 -24.40 4.11 13.32
N ALA A 112 -23.71 3.10 12.79
CA ALA A 112 -23.17 2.04 13.63
C ALA A 112 -22.09 2.56 14.58
N SER A 113 -22.03 1.96 15.76
CA SER A 113 -21.00 2.30 16.72
C SER A 113 -19.78 1.39 16.56
N PRO A 114 -18.56 1.90 16.75
CA PRO A 114 -17.38 1.00 16.75
C PRO A 114 -17.46 -0.14 17.79
N ASP A 115 -18.30 0.03 18.83
CA ASP A 115 -18.51 -1.01 19.84
C ASP A 115 -18.93 -2.33 19.21
N ILE A 116 -19.74 -2.27 18.17
CA ILE A 116 -20.17 -3.47 17.46
C ILE A 116 -18.95 -4.28 17.02
N LEU A 117 -17.97 -3.59 16.41
CA LEU A 117 -16.78 -4.27 15.91
C LEU A 117 -15.95 -4.80 17.07
N VAL A 118 -15.76 -3.95 18.09
CA VAL A 118 -14.97 -4.34 19.24
C VAL A 118 -15.55 -5.60 19.88
N GLU A 119 -16.89 -5.67 20.02
CA GLU A 119 -17.49 -6.83 20.67
C GLU A 119 -17.43 -8.07 19.79
N LYS A 120 -17.55 -7.91 18.48
CA LYS A 120 -17.39 -9.09 17.64
C LYS A 120 -15.96 -9.65 17.70
N LEU A 121 -14.96 -8.77 17.76
CA LEU A 121 -13.58 -9.26 17.87
C LEU A 121 -13.33 -9.93 19.22
N VAL A 122 -13.85 -9.34 20.30
CA VAL A 122 -13.73 -9.95 21.62
C VAL A 122 -14.35 -11.34 21.62
N LYS A 123 -15.55 -11.46 21.05
CA LYS A 123 -16.20 -12.75 20.97
C LYS A 123 -15.37 -13.74 20.16
N GLY A 124 -14.76 -13.28 19.07
CA GLY A 124 -13.92 -14.17 18.29
C GLY A 124 -12.75 -14.70 19.09
N ILE A 125 -12.09 -13.84 19.85
CA ILE A 125 -10.99 -14.28 20.72
C ILE A 125 -11.48 -15.36 21.68
N LYS A 126 -12.60 -15.10 22.35
CA LYS A 126 -13.09 -16.04 23.34
C LYS A 126 -13.51 -17.37 22.71
N LEU A 127 -14.21 -17.32 21.57
CA LEU A 127 -14.63 -18.54 20.88
C LEU A 127 -13.42 -19.36 20.42
N ALA A 128 -12.40 -18.69 19.88
CA ALA A 128 -11.20 -19.39 19.44
C ALA A 128 -10.54 -20.11 20.60
N ARG A 129 -10.43 -19.42 21.75
CA ARG A 129 -9.83 -20.04 22.94
C ARG A 129 -10.63 -21.24 23.41
N GLU A 130 -11.96 -21.12 23.42
CA GLU A 130 -12.81 -22.24 23.82
C GLU A 130 -12.62 -23.44 22.89
N LYS A 131 -12.50 -23.20 21.58
CA LYS A 131 -12.46 -24.33 20.66
C LYS A 131 -11.12 -25.03 20.65
N ASP A 132 -10.04 -24.32 20.94
CA ASP A 132 -8.71 -24.91 21.00
C ASP A 132 -7.89 -24.06 21.95
N LYS A 133 -7.56 -24.64 23.11
CA LYS A 133 -6.93 -23.89 24.20
C LYS A 133 -5.60 -23.29 23.79
N ASN A 134 -4.98 -23.77 22.72
CA ASN A 134 -3.75 -23.19 22.22
C ASN A 134 -3.97 -22.27 21.00
N ALA A 135 -5.22 -21.99 20.64
CA ALA A 135 -5.48 -21.13 19.50
C ALA A 135 -5.37 -19.67 19.92
N VAL A 136 -4.65 -18.89 19.12
CA VAL A 136 -4.46 -17.47 19.37
C VAL A 136 -4.94 -16.69 18.15
N VAL A 137 -5.67 -15.61 18.40
CA VAL A 137 -6.00 -14.64 17.35
C VAL A 137 -4.79 -13.75 17.19
N ALA A 138 -3.92 -14.05 16.23
CA ALA A 138 -2.70 -13.26 16.07
C ALA A 138 -3.01 -11.86 15.56
N GLY A 139 -3.98 -11.75 14.66
CA GLY A 139 -4.40 -10.46 14.15
C GLY A 139 -5.83 -10.53 13.66
N GLY A 140 -6.45 -9.37 13.53
CA GLY A 140 -7.77 -9.32 12.93
C GLY A 140 -8.28 -7.90 12.90
N ALA A 141 -9.35 -7.71 12.13
CA ALA A 141 -9.96 -6.39 12.05
C ALA A 141 -11.40 -6.51 11.60
N GLY A 142 -12.17 -5.48 11.94
CA GLY A 142 -13.50 -5.31 11.41
C GLY A 142 -13.69 -3.86 10.99
N GLY A 143 -14.63 -3.67 10.08
CA GLY A 143 -14.94 -2.34 9.59
C GLY A 143 -16.38 -2.24 9.14
N VAL A 144 -16.94 -1.04 9.24
CA VAL A 144 -18.20 -0.68 8.60
C VAL A 144 -17.95 0.59 7.80
N SER A 145 -18.30 0.55 6.52
CA SER A 145 -18.05 1.67 5.62
C SER A 145 -19.36 2.13 4.99
N TRP A 146 -19.70 3.40 5.20
CA TRP A 146 -20.85 4.06 4.57
C TRP A 146 -20.34 4.99 3.49
N GLU A 147 -20.89 4.88 2.28
CA GLU A 147 -20.43 5.68 1.15
C GLU A 147 -21.61 6.35 0.44
N GLU A 148 -21.36 7.58 -0.02
CA GLU A 148 -22.29 8.34 -0.84
C GLU A 148 -21.51 8.88 -2.04
N ARG A 149 -22.14 8.81 -3.21
CA ARG A 149 -21.53 9.38 -4.40
C ARG A 149 -22.59 10.19 -5.14
N HIS A 150 -22.22 11.41 -5.53
CA HIS A 150 -23.05 12.30 -6.33
C HIS A 150 -22.22 12.66 -7.56
N VAL A 151 -22.69 12.27 -8.74
CA VAL A 151 -21.98 12.58 -9.98
C VAL A 151 -22.87 13.41 -10.88
N LEU A 152 -22.31 14.48 -11.44
CA LEU A 152 -23.03 15.25 -12.44
C LEU A 152 -22.04 15.83 -13.44
N ASN A 153 -22.53 16.08 -14.66
CA ASN A 153 -21.70 16.70 -15.66
C ASN A 153 -22.53 17.68 -16.48
N SER A 154 -21.84 18.44 -17.31
CA SER A 154 -22.44 19.54 -18.04
C SER A 154 -23.41 19.08 -19.14
N HIS A 155 -23.53 17.78 -19.38
CA HIS A 155 -24.51 17.26 -20.32
C HIS A 155 -25.85 16.91 -19.67
N GLY A 156 -26.01 17.18 -18.37
CA GLY A 156 -27.24 16.90 -17.66
C GLY A 156 -27.29 15.64 -16.82
N LEU A 157 -26.22 14.85 -16.76
CA LEU A 157 -26.17 13.69 -15.87
C LEU A 157 -26.17 14.16 -14.41
N ASP A 158 -27.11 13.64 -13.56
CA ASP A 158 -27.06 13.70 -12.07
C ASP A 158 -27.44 12.29 -11.68
N VAL A 159 -26.62 11.66 -10.83
CA VAL A 159 -26.98 10.40 -10.19
C VAL A 159 -26.41 10.44 -8.78
N PHE A 160 -27.21 9.98 -7.81
CA PHE A 160 -26.81 9.96 -6.41
C PHE A 160 -27.15 8.60 -5.83
N GLN A 161 -26.27 8.07 -4.97
CA GLN A 161 -26.56 6.84 -4.27
C GLN A 161 -25.72 6.73 -3.01
N GLU A 162 -26.25 6.05 -2.02
CA GLU A 162 -25.55 5.84 -0.77
C GLU A 162 -25.86 4.43 -0.28
N GLY A 163 -24.91 3.86 0.47
CA GLY A 163 -25.11 2.53 1.02
C GLY A 163 -23.87 2.14 1.82
N GLY A 164 -23.98 1.04 2.54
CA GLY A 164 -22.90 0.60 3.41
C GLY A 164 -22.61 -0.88 3.30
N ALA A 165 -21.42 -1.25 3.76
CA ALA A 165 -21.01 -2.64 3.86
C ALA A 165 -20.16 -2.82 5.10
N ALA A 166 -20.14 -4.04 5.62
CA ALA A 166 -19.39 -4.38 6.82
C ALA A 166 -18.58 -5.64 6.55
N TYR A 167 -17.44 -5.76 7.24
CA TYR A 167 -16.52 -6.85 7.01
C TYR A 167 -15.77 -7.15 8.31
N MET A 168 -15.21 -8.35 8.36
CA MET A 168 -14.42 -8.79 9.49
C MET A 168 -13.53 -9.93 9.04
N TYR A 169 -12.31 -9.98 9.55
CA TYR A 169 -11.44 -11.13 9.33
C TYR A 169 -10.69 -11.44 10.62
N LEU A 170 -10.34 -12.71 10.78
CA LEU A 170 -9.45 -13.12 11.85
C LEU A 170 -8.31 -13.95 11.28
N GLU A 171 -7.13 -13.79 11.87
CA GLU A 171 -5.95 -14.62 11.57
C GLU A 171 -5.63 -15.42 12.83
N ILE A 172 -5.79 -16.73 12.77
CA ILE A 172 -5.65 -17.61 13.93
C ILE A 172 -4.42 -18.49 13.75
N VAL A 173 -3.61 -18.58 14.81
CA VAL A 173 -2.41 -19.40 14.85
C VAL A 173 -2.57 -20.39 16.00
N GLY A 174 -2.23 -21.66 15.74
CA GLY A 174 -2.27 -22.68 16.76
C GLY A 174 -0.89 -23.16 17.17
N ARG A 175 -0.80 -23.72 18.36
CA ARG A 175 0.42 -24.42 18.79
C ARG A 175 0.02 -25.75 19.42
N LYS A 176 0.50 -26.85 18.85
CA LYS A 176 0.37 -28.17 19.48
C LYS A 176 1.78 -28.72 19.61
N GLY A 177 2.25 -28.85 20.84
CA GLY A 177 3.59 -29.35 21.05
C GLY A 177 4.62 -28.33 20.65
N SER A 178 5.48 -28.66 19.68
CA SER A 178 6.43 -27.71 19.14
C SER A 178 6.06 -27.25 17.73
N VAL A 179 4.92 -27.64 17.21
CA VAL A 179 4.46 -27.16 15.92
C VAL A 179 3.66 -25.89 16.12
N VAL A 180 4.06 -24.82 15.42
CA VAL A 180 3.24 -23.61 15.30
C VAL A 180 2.71 -23.57 13.87
N THR A 181 1.40 -23.45 13.73
CA THR A 181 0.80 -23.38 12.42
C THR A 181 1.13 -22.05 11.75
N PRO A 182 1.01 -21.97 10.43
CA PRO A 182 0.99 -20.66 9.80
C PRO A 182 -0.34 -19.98 10.09
N GLY A 183 -0.35 -18.66 9.97
CA GLY A 183 -1.57 -17.90 10.13
C GLY A 183 -2.70 -18.35 9.23
N ILE A 184 -3.83 -18.70 9.80
CA ILE A 184 -5.01 -19.14 9.05
C ILE A 184 -6.03 -17.99 9.05
N PHE A 185 -6.36 -17.50 7.86
CA PHE A 185 -7.20 -16.31 7.67
C PHE A 185 -8.61 -16.76 7.33
N ASP A 186 -9.60 -16.17 7.97
CA ASP A 186 -10.98 -16.31 7.50
C ASP A 186 -11.71 -15.00 7.74
N PHE A 187 -12.89 -14.88 7.14
CA PHE A 187 -13.51 -13.57 7.00
C PHE A 187 -15.00 -13.71 6.77
N ASP A 188 -15.69 -12.57 6.87
CA ASP A 188 -17.10 -12.43 6.54
C ASP A 188 -17.33 -11.00 6.07
N ALA A 189 -18.24 -10.84 5.12
CA ALA A 189 -18.56 -9.52 4.59
C ALA A 189 -20.01 -9.54 4.18
N ARG A 190 -20.70 -8.44 4.41
CA ARG A 190 -22.15 -8.43 4.23
C ARG A 190 -22.62 -6.99 4.29
N ARG A 191 -23.94 -6.81 4.10
CA ARG A 191 -24.60 -5.50 4.11
C ARG A 191 -25.44 -5.26 5.36
N ASP A 192 -25.15 -5.95 6.45
CA ASP A 192 -25.78 -5.65 7.73
C ASP A 192 -24.75 -5.90 8.82
N LEU A 193 -25.13 -5.64 10.07
CA LEU A 193 -24.19 -5.67 11.16
C LEU A 193 -24.02 -7.05 11.82
N ASN A 194 -24.76 -8.09 11.40
CA ASN A 194 -24.66 -9.43 11.98
C ASN A 194 -23.49 -10.23 11.39
N LEU A 195 -22.29 -9.72 11.57
CA LEU A 195 -21.10 -10.41 11.08
C LEU A 195 -20.98 -11.78 11.74
N ASP A 196 -20.69 -12.80 10.92
CA ASP A 196 -20.72 -14.18 11.37
C ASP A 196 -19.35 -14.57 11.94
N VAL A 197 -19.10 -14.09 13.16
CA VAL A 197 -17.82 -14.36 13.81
C VAL A 197 -17.74 -15.83 14.21
N GLU A 198 -18.86 -16.42 14.61
CA GLU A 198 -18.91 -17.86 14.87
C GLU A 198 -18.39 -18.66 13.68
N GLY A 199 -18.90 -18.37 12.48
CA GLY A 199 -18.46 -19.10 11.30
C GLY A 199 -16.98 -18.91 11.02
N ILE A 200 -16.51 -17.67 11.16
CA ILE A 200 -15.10 -17.39 10.95
C ILE A 200 -14.25 -18.25 11.85
N VAL A 201 -14.61 -18.30 13.13
CA VAL A 201 -13.82 -19.02 14.10
C VAL A 201 -13.89 -20.52 13.84
N GLU A 202 -15.09 -21.04 13.57
CA GLU A 202 -15.23 -22.48 13.31
C GLU A 202 -14.35 -22.90 12.15
N ARG A 203 -14.44 -22.19 11.01
CA ARG A 203 -13.63 -22.57 9.85
C ARG A 203 -12.14 -22.41 10.12
N ALA A 204 -11.73 -21.27 10.70
CA ALA A 204 -10.30 -21.06 10.94
C ALA A 204 -9.74 -22.09 11.91
N VAL A 205 -10.46 -22.38 12.99
CA VAL A 205 -9.95 -23.32 13.97
C VAL A 205 -9.88 -24.72 13.37
N GLN A 206 -10.85 -25.10 12.53
CA GLN A 206 -10.77 -26.39 11.83
C GLN A 206 -9.52 -26.49 10.97
N LYS A 207 -9.24 -25.45 10.18
CA LYS A 207 -8.04 -25.48 9.36
C LYS A 207 -6.77 -25.49 10.21
N VAL A 208 -6.81 -24.87 11.40
CA VAL A 208 -5.66 -24.96 12.30
C VAL A 208 -5.45 -26.40 12.77
N GLN A 209 -6.54 -27.09 13.10
CA GLN A 209 -6.47 -28.49 13.49
C GLN A 209 -5.76 -29.29 12.42
N TRP A 210 -6.19 -29.12 11.17
CA TRP A 210 -5.53 -29.84 10.08
C TRP A 210 -4.06 -29.46 9.98
N ALA A 211 -3.75 -28.17 10.13
CA ALA A 211 -2.39 -27.70 9.95
C ALA A 211 -1.44 -28.17 11.04
N TYR A 212 -1.95 -28.71 12.16
CA TYR A 212 -1.05 -29.30 13.14
C TYR A 212 -0.27 -30.47 12.56
N ASN A 213 -0.76 -31.10 11.47
CA ASN A 213 -0.15 -32.27 10.82
C ASN A 213 0.35 -31.92 9.43
N VAL A 214 1.60 -31.52 9.31
CA VAL A 214 2.19 -31.25 8.00
C VAL A 214 2.55 -32.58 7.33
N VAL A 215 2.20 -32.71 6.05
CA VAL A 215 2.50 -33.90 5.25
C VAL A 215 3.30 -33.46 4.02
N PRO A 216 4.32 -34.22 3.62
CA PRO A 216 5.13 -33.81 2.47
C PRO A 216 4.38 -33.94 1.16
N SER A 217 4.78 -33.11 0.19
CA SER A 217 4.18 -33.11 -1.13
C SER A 217 5.17 -33.61 -2.18
N LYS A 218 4.63 -34.26 -3.22
CA LYS A 218 5.44 -34.80 -4.30
C LYS A 218 4.93 -34.31 -5.65
N ASN A 219 5.77 -34.48 -6.67
CA ASN A 219 5.35 -34.20 -8.04
C ASN A 219 4.26 -35.19 -8.42
N GLU A 220 3.11 -34.70 -8.85
CA GLU A 220 2.03 -35.63 -9.17
C GLU A 220 0.97 -34.87 -9.95
N GLU A 221 -0.03 -35.62 -10.40
CA GLU A 221 -1.14 -35.09 -11.17
C GLU A 221 -2.40 -35.43 -10.40
N VAL A 222 -3.13 -34.41 -9.95
CA VAL A 222 -4.11 -34.65 -8.90
C VAL A 222 -5.27 -33.66 -9.00
N PRO A 223 -6.46 -33.99 -8.54
CA PRO A 223 -7.53 -32.97 -8.50
C PRO A 223 -7.28 -31.94 -7.39
N LEU A 224 -7.58 -30.68 -7.72
CA LEU A 224 -7.47 -29.56 -6.79
C LEU A 224 -8.82 -28.90 -6.65
N ILE A 225 -9.23 -28.63 -5.42
CA ILE A 225 -10.41 -27.86 -5.12
C ILE A 225 -9.95 -26.48 -4.66
N PHE A 226 -10.13 -25.47 -5.50
CA PHE A 226 -9.78 -24.10 -5.16
C PHE A 226 -10.88 -23.44 -4.34
N GLY A 227 -10.48 -22.80 -3.23
CA GLY A 227 -11.38 -22.02 -2.43
C GLY A 227 -11.46 -20.58 -2.94
N PRO A 228 -12.40 -19.82 -2.37
CA PRO A 228 -12.65 -18.44 -2.88
C PRO A 228 -11.42 -17.53 -2.88
N TRP A 229 -10.60 -17.56 -1.83
CA TRP A 229 -9.44 -16.68 -1.79
C TRP A 229 -8.45 -17.02 -2.88
N ALA A 230 -8.21 -18.32 -3.11
CA ALA A 230 -7.29 -18.74 -4.16
C ALA A 230 -7.82 -18.38 -5.53
N ILE A 231 -9.13 -18.55 -5.73
CA ILE A 231 -9.79 -18.14 -6.97
C ILE A 231 -9.64 -16.63 -7.18
N ALA A 232 -9.94 -15.82 -6.16
CA ALA A 232 -9.83 -14.37 -6.32
C ALA A 232 -8.40 -13.98 -6.68
N GLY A 233 -7.41 -14.52 -5.96
CA GLY A 233 -6.03 -14.17 -6.26
C GLY A 233 -5.63 -14.53 -7.67
N LEU A 234 -5.81 -15.80 -8.03
CA LEU A 234 -5.39 -16.24 -9.36
C LEU A 234 -6.12 -15.47 -10.46
N PHE A 235 -7.44 -15.36 -10.38
CA PHE A 235 -8.20 -14.76 -11.47
C PHE A 235 -7.94 -13.27 -11.58
N SER A 236 -7.76 -12.58 -10.45
CA SER A 236 -7.46 -11.15 -10.52
C SER A 236 -6.11 -10.92 -11.15
N TYR A 237 -5.14 -11.80 -10.94
CA TYR A 237 -3.85 -11.49 -11.52
C TYR A 237 -3.66 -12.01 -12.94
N THR A 238 -4.37 -13.07 -13.33
CA THR A 238 -4.07 -13.73 -14.59
C THR A 238 -5.20 -13.70 -15.61
N LEU A 239 -6.45 -13.57 -15.18
CA LEU A 239 -7.56 -13.75 -16.09
C LEU A 239 -8.36 -12.48 -16.30
N LEU A 240 -8.83 -11.86 -15.23
CA LEU A 240 -9.70 -10.69 -15.37
C LEU A 240 -9.09 -9.56 -16.20
N PRO A 241 -7.79 -9.24 -16.11
CA PRO A 241 -7.27 -8.17 -16.97
C PRO A 241 -7.54 -8.39 -18.43
N ALA A 242 -7.63 -9.65 -18.89
CA ALA A 242 -7.85 -9.95 -20.31
C ALA A 242 -9.20 -9.45 -20.82
N PHE A 243 -10.17 -9.21 -19.94
CA PHE A 243 -11.49 -8.78 -20.39
C PHE A 243 -11.61 -7.28 -20.59
N SER A 244 -10.52 -6.53 -20.41
CA SER A 244 -10.55 -5.08 -20.51
C SER A 244 -10.43 -4.62 -21.96
N GLY A 245 -11.39 -3.79 -22.40
CA GLY A 245 -11.34 -3.26 -23.75
C GLY A 245 -10.09 -2.44 -24.05
N GLU A 246 -9.49 -1.86 -23.02
CA GLU A 246 -8.25 -1.12 -23.24
C GLU A 246 -7.17 -2.05 -23.77
N ARG A 247 -7.12 -3.28 -23.26
CA ARG A 247 -6.16 -4.25 -23.78
C ARG A 247 -6.50 -4.71 -25.19
N LEU A 248 -7.79 -4.73 -25.54
CA LEU A 248 -8.16 -5.02 -26.91
C LEU A 248 -7.64 -3.95 -27.86
N VAL A 249 -7.83 -2.68 -27.48
CA VAL A 249 -7.33 -1.57 -28.30
C VAL A 249 -5.81 -1.62 -28.41
N LYS A 250 -5.13 -1.98 -27.31
CA LYS A 250 -3.68 -2.01 -27.27
C LYS A 250 -3.08 -3.35 -27.68
N GLU A 251 -3.91 -4.32 -28.08
CA GLU A 251 -3.46 -5.63 -28.56
C GLU A 251 -2.65 -6.39 -27.50
N THR A 252 -3.10 -6.35 -26.25
CA THR A 252 -2.44 -7.07 -25.16
C THR A 252 -3.38 -8.03 -24.42
N THR A 253 -4.47 -8.45 -25.04
CA THR A 253 -5.31 -9.48 -24.45
C THR A 253 -5.29 -10.72 -25.32
N PRO A 254 -5.04 -11.91 -24.75
CA PRO A 254 -5.10 -13.14 -25.56
C PRO A 254 -6.50 -13.51 -25.99
N LEU A 255 -7.51 -12.77 -25.57
CA LEU A 255 -8.89 -13.04 -25.92
C LEU A 255 -9.34 -12.26 -27.15
N ALA A 256 -8.46 -11.45 -27.74
CA ALA A 256 -8.81 -10.74 -28.96
C ALA A 256 -9.21 -11.72 -30.06
N GLY A 257 -10.34 -11.45 -30.70
CA GLY A 257 -10.83 -12.26 -31.79
C GLY A 257 -11.42 -13.59 -31.39
N LYS A 258 -11.63 -13.85 -30.10
CA LYS A 258 -12.11 -15.14 -29.63
C LYS A 258 -13.55 -15.10 -29.14
N VAL A 259 -14.27 -14.03 -29.46
CA VAL A 259 -15.65 -13.93 -29.03
C VAL A 259 -16.41 -15.12 -29.57
N GLY A 260 -17.16 -15.79 -28.70
CA GLY A 260 -17.93 -16.95 -29.03
C GLY A 260 -17.20 -18.26 -28.94
N GLU A 261 -15.89 -18.23 -28.79
CA GLU A 261 -15.07 -19.43 -28.67
C GLU A 261 -15.02 -19.92 -27.23
N LYS A 262 -14.74 -21.20 -27.08
CA LYS A 262 -14.67 -21.85 -25.79
C LYS A 262 -13.31 -21.56 -25.17
N ILE A 263 -13.29 -20.80 -24.07
CA ILE A 263 -12.07 -20.51 -23.34
C ILE A 263 -12.02 -21.18 -21.97
N ALA A 264 -13.10 -21.83 -21.56
CA ALA A 264 -13.17 -22.48 -20.27
C ALA A 264 -14.10 -23.68 -20.37
N SER A 265 -14.06 -24.54 -19.36
CA SER A 265 -15.02 -25.62 -19.28
C SER A 265 -16.44 -25.05 -19.19
N GLU A 266 -17.41 -25.81 -19.71
CA GLU A 266 -18.81 -25.35 -19.71
C GLU A 266 -19.36 -25.16 -18.31
N VAL A 267 -18.66 -25.65 -17.30
CA VAL A 267 -19.05 -25.53 -15.89
C VAL A 267 -18.93 -24.09 -15.39
N ILE A 268 -18.13 -23.26 -16.06
CA ILE A 268 -17.79 -21.91 -15.62
C ILE A 268 -18.70 -20.89 -16.30
N THR A 269 -19.45 -20.14 -15.51
CA THR A 269 -20.09 -18.92 -15.98
C THR A 269 -19.63 -17.76 -15.10
N LEU A 270 -19.13 -16.71 -15.74
CA LEU A 270 -18.52 -15.57 -15.08
C LEU A 270 -19.13 -14.29 -15.61
N TYR A 271 -19.61 -13.45 -14.70
CA TYR A 271 -20.20 -12.18 -15.12
C TYR A 271 -19.97 -11.10 -14.07
N ASP A 272 -20.13 -9.85 -14.47
CA ASP A 272 -19.97 -8.74 -13.56
C ASP A 272 -21.34 -8.12 -13.36
N ASP A 273 -21.81 -8.11 -12.13
CA ASP A 273 -23.12 -7.53 -11.87
C ASP A 273 -23.27 -7.00 -10.45
N PRO A 274 -23.33 -5.68 -10.27
CA PRO A 274 -23.52 -5.15 -8.92
C PRO A 274 -24.86 -5.48 -8.30
N PHE A 275 -25.83 -5.95 -9.07
CA PHE A 275 -27.13 -6.26 -8.50
C PHE A 275 -27.28 -7.72 -8.07
N HIS A 276 -26.19 -8.47 -8.06
CA HIS A 276 -26.26 -9.82 -7.51
C HIS A 276 -26.70 -9.77 -6.05
N PRO A 277 -27.49 -10.75 -5.59
CA PRO A 277 -28.00 -10.72 -4.21
C PRO A 277 -26.94 -10.62 -3.11
N LEU A 278 -25.73 -11.13 -3.32
CA LEU A 278 -24.68 -11.04 -2.31
C LEU A 278 -23.73 -9.87 -2.51
N SER A 279 -23.96 -9.04 -3.51
CA SER A 279 -23.08 -7.91 -3.78
C SER A 279 -23.04 -6.96 -2.58
N LEU A 280 -21.85 -6.44 -2.27
CA LEU A 280 -21.73 -5.49 -1.17
C LEU A 280 -22.12 -4.06 -1.57
N ARG A 281 -22.07 -3.75 -2.86
CA ARG A 281 -22.29 -2.40 -3.37
C ARG A 281 -23.21 -2.49 -4.58
N PRO A 282 -24.52 -2.48 -4.36
CA PRO A 282 -25.49 -2.56 -5.47
C PRO A 282 -25.66 -1.21 -6.19
N THR A 283 -24.58 -0.75 -6.80
CA THR A 283 -24.55 0.58 -7.41
C THR A 283 -25.23 0.59 -8.78
N ILE A 284 -26.01 1.65 -9.05
CA ILE A 284 -26.72 1.77 -10.33
C ILE A 284 -25.92 2.49 -11.41
N ALA A 285 -24.80 3.12 -11.07
CA ALA A 285 -24.00 3.88 -12.02
C ALA A 285 -22.53 3.68 -11.66
N ASP A 286 -21.67 3.79 -12.64
CA ASP A 286 -20.25 3.68 -12.36
C ASP A 286 -19.75 5.06 -11.93
N ASP A 287 -18.43 5.23 -11.82
CA ASP A 287 -17.88 6.45 -11.23
C ASP A 287 -17.93 7.66 -12.15
N GLU A 288 -18.26 7.49 -13.43
CA GLU A 288 -18.52 8.63 -14.29
C GLU A 288 -19.99 8.73 -14.68
N GLY A 289 -20.87 8.02 -13.97
CA GLY A 289 -22.30 8.16 -14.14
C GLY A 289 -22.95 7.28 -15.19
N VAL A 290 -22.21 6.39 -15.83
CA VAL A 290 -22.81 5.49 -16.83
C VAL A 290 -23.63 4.42 -16.11
N PRO A 291 -24.81 4.06 -16.61
CA PRO A 291 -25.62 3.04 -15.91
C PRO A 291 -24.88 1.71 -15.85
N THR A 292 -25.01 1.04 -14.71
CA THR A 292 -24.45 -0.29 -14.58
C THR A 292 -25.45 -1.31 -15.09
N ARG A 293 -24.93 -2.49 -15.45
CA ARG A 293 -25.73 -3.57 -15.98
C ARG A 293 -25.03 -4.89 -15.67
N LYS A 294 -25.72 -5.99 -15.96
CA LYS A 294 -25.11 -7.31 -15.89
C LYS A 294 -24.30 -7.56 -17.17
N ASN A 295 -22.99 -7.73 -17.01
CA ASN A 295 -22.09 -7.96 -18.14
C ASN A 295 -21.58 -9.39 -18.08
N VAL A 296 -22.06 -10.23 -18.98
CA VAL A 296 -21.64 -11.63 -19.02
C VAL A 296 -20.30 -11.72 -19.75
N LEU A 297 -19.30 -12.29 -19.08
CA LEU A 297 -17.98 -12.40 -19.67
C LEU A 297 -17.69 -13.79 -20.21
N ILE A 298 -18.07 -14.84 -19.47
CA ILE A 298 -17.94 -16.22 -19.90
C ILE A 298 -19.29 -16.87 -19.68
N GLU A 299 -19.90 -17.38 -20.75
CA GLU A 299 -21.21 -18.03 -20.63
C GLU A 299 -21.10 -19.50 -21.00
N ASN A 300 -21.24 -20.37 -20.00
CA ASN A 300 -21.09 -21.81 -20.19
C ASN A 300 -19.81 -22.14 -20.94
N GLY A 301 -18.70 -21.55 -20.50
CA GLY A 301 -17.40 -21.77 -21.09
C GLY A 301 -17.05 -20.89 -22.28
N ALA A 302 -18.02 -20.19 -22.88
CA ALA A 302 -17.81 -19.40 -24.09
C ALA A 302 -17.53 -17.94 -23.77
N PHE A 303 -16.47 -17.39 -24.38
CA PHE A 303 -16.13 -15.98 -24.16
C PHE A 303 -17.14 -15.08 -24.87
N LYS A 304 -17.71 -14.12 -24.13
CA LYS A 304 -18.81 -13.28 -24.62
C LYS A 304 -18.40 -11.87 -25.02
N GLY A 305 -17.41 -11.27 -24.38
CA GLY A 305 -17.01 -9.93 -24.76
C GLY A 305 -16.22 -9.21 -23.67
N PHE A 306 -15.94 -7.94 -23.95
CA PHE A 306 -15.06 -7.12 -23.14
C PHE A 306 -15.87 -6.09 -22.37
N VAL A 307 -15.27 -5.55 -21.31
CA VAL A 307 -15.86 -4.43 -20.57
C VAL A 307 -15.14 -3.14 -20.97
N TRP A 308 -15.89 -2.04 -20.91
CA TRP A 308 -15.45 -0.75 -21.42
C TRP A 308 -15.86 0.37 -20.46
N ASP A 309 -15.03 1.40 -20.37
CA ASP A 309 -15.45 2.67 -19.82
C ASP A 309 -15.73 3.62 -21.00
N ASN A 310 -16.07 4.87 -20.67
CA ASN A 310 -16.42 5.86 -21.70
C ASN A 310 -15.25 6.13 -22.63
N TYR A 311 -14.06 6.36 -22.06
CA TYR A 311 -12.93 6.78 -22.87
C TYR A 311 -12.54 5.72 -23.91
N TRP A 312 -12.31 4.48 -23.44
CA TRP A 312 -11.89 3.42 -24.37
C TRP A 312 -13.01 2.97 -25.29
N ALA A 313 -14.26 2.98 -24.82
CA ALA A 313 -15.35 2.63 -25.70
C ALA A 313 -15.43 3.59 -26.88
N LYS A 314 -15.34 4.90 -26.60
CA LYS A 314 -15.42 5.87 -27.69
C LYS A 314 -14.20 5.83 -28.59
N ILE A 315 -13.04 5.44 -28.05
CA ILE A 315 -11.89 5.24 -28.94
C ILE A 315 -12.16 4.06 -29.87
N TYR A 316 -12.79 2.99 -29.36
CA TYR A 316 -13.02 1.79 -30.17
C TYR A 316 -14.21 1.89 -31.11
N GLY A 317 -15.25 2.62 -30.74
CA GLY A 317 -16.45 2.63 -31.54
C GLY A 317 -17.64 1.96 -30.92
N THR A 318 -17.55 1.53 -29.67
CA THR A 318 -18.70 0.90 -29.01
C THR A 318 -19.22 1.80 -27.89
N GLU A 319 -20.07 1.27 -27.02
CA GLU A 319 -20.53 2.01 -25.86
C GLU A 319 -19.90 1.44 -24.59
N SER A 320 -19.74 2.31 -23.62
CA SER A 320 -19.33 1.90 -22.29
C SER A 320 -20.32 0.88 -21.76
N THR A 321 -19.81 -0.12 -21.04
CA THR A 321 -20.64 -1.10 -20.34
C THR A 321 -20.88 -0.71 -18.89
N GLY A 322 -20.50 0.50 -18.50
CA GLY A 322 -20.61 0.92 -17.12
C GLY A 322 -19.50 0.42 -16.22
N ASN A 323 -18.29 0.28 -16.75
CA ASN A 323 -17.16 -0.25 -16.00
C ASN A 323 -16.05 0.78 -15.82
N GLY A 324 -16.42 2.05 -15.70
CA GLY A 324 -15.46 3.07 -15.33
C GLY A 324 -15.37 3.23 -13.82
N LYS A 325 -14.26 2.77 -13.22
CA LYS A 325 -14.01 2.83 -11.78
C LYS A 325 -13.04 3.96 -11.45
N ARG A 326 -13.25 4.58 -10.31
CA ARG A 326 -12.42 5.69 -9.90
C ARG A 326 -11.12 5.20 -9.28
N ASP A 327 -10.00 5.66 -9.81
CA ASP A 327 -8.69 5.39 -9.23
C ASP A 327 -8.56 6.13 -7.90
N ILE A 328 -8.17 5.37 -6.86
CA ILE A 328 -8.22 5.86 -5.49
C ILE A 328 -7.18 6.95 -5.23
N ARG A 329 -6.00 6.86 -5.84
CA ARG A 329 -5.00 7.90 -5.62
C ARG A 329 -5.01 8.99 -6.68
N SER A 330 -5.10 8.63 -7.96
CA SER A 330 -5.01 9.62 -9.04
C SER A 330 -6.32 10.37 -9.27
N GLY A 331 -7.46 9.80 -8.92
CA GLY A 331 -8.74 10.43 -9.20
C GLY A 331 -9.27 10.26 -10.61
N GLY A 332 -8.52 9.63 -11.50
CA GLY A 332 -9.01 9.37 -12.85
C GLY A 332 -9.92 8.15 -12.93
N ILE A 333 -10.39 7.89 -14.15
CA ILE A 333 -11.25 6.75 -14.44
C ILE A 333 -10.43 5.66 -15.13
N ASN A 334 -10.55 4.42 -14.68
CA ASN A 334 -9.99 3.28 -15.37
C ASN A 334 -11.03 2.19 -15.50
N ILE A 335 -10.82 1.28 -16.44
CA ILE A 335 -11.72 0.13 -16.54
C ILE A 335 -11.53 -0.77 -15.34
N GLY A 336 -12.63 -1.21 -14.75
CA GLY A 336 -12.62 -2.12 -13.61
C GLY A 336 -13.96 -2.82 -13.44
N PHE A 337 -14.04 -3.67 -12.42
CA PHE A 337 -15.23 -4.49 -12.20
C PHE A 337 -15.98 -4.04 -10.95
N HIS A 338 -17.26 -4.41 -10.90
CA HIS A 338 -18.08 -4.11 -9.74
C HIS A 338 -18.18 -5.30 -8.81
N SER A 339 -18.86 -6.35 -9.24
CA SER A 339 -18.96 -7.58 -8.45
C SER A 339 -18.80 -8.71 -9.46
N VAL A 340 -17.63 -9.35 -9.47
CA VAL A 340 -17.39 -10.49 -10.35
C VAL A 340 -18.00 -11.74 -9.72
N VAL A 341 -18.91 -12.40 -10.44
CA VAL A 341 -19.68 -13.52 -9.95
C VAL A 341 -19.28 -14.74 -10.78
N ILE A 342 -18.93 -15.82 -10.08
CA ILE A 342 -18.84 -17.15 -10.66
C ILE A 342 -20.08 -17.90 -10.22
N GLU A 343 -20.85 -18.38 -11.18
CA GLU A 343 -22.12 -19.02 -10.85
C GLU A 343 -21.85 -20.33 -10.10
N ASN A 344 -22.71 -20.62 -9.13
CA ASN A 344 -22.56 -21.79 -8.28
C ASN A 344 -23.20 -23.03 -8.92
N GLY A 345 -22.92 -24.18 -8.30
CA GLY A 345 -23.43 -25.48 -8.73
C GLY A 345 -24.50 -26.02 -7.80
N LYS A 346 -24.64 -27.36 -7.73
CA LYS A 346 -25.76 -28.01 -7.03
C LYS A 346 -25.37 -28.75 -5.75
N ARG A 347 -24.11 -29.09 -5.55
CA ARG A 347 -23.73 -29.88 -4.39
C ARG A 347 -22.80 -29.12 -3.46
N SER A 348 -22.83 -29.51 -2.20
CA SER A 348 -22.04 -28.87 -1.17
C SER A 348 -20.56 -29.24 -1.32
N LEU A 349 -19.71 -28.41 -0.74
CA LEU A 349 -18.28 -28.72 -0.75
C LEU A 349 -18.00 -30.06 -0.09
N GLU A 350 -18.82 -30.44 0.90
CA GLU A 350 -18.57 -31.68 1.63
C GLU A 350 -18.83 -32.90 0.75
N ASP A 351 -19.89 -32.85 -0.06
CA ASP A 351 -20.13 -33.92 -1.04
C ASP A 351 -18.94 -34.06 -1.99
N ILE A 352 -18.40 -32.94 -2.46
CA ILE A 352 -17.32 -32.98 -3.44
C ILE A 352 -16.05 -33.52 -2.80
N ILE A 353 -15.71 -33.09 -1.58
CA ILE A 353 -14.52 -33.59 -0.90
C ILE A 353 -14.65 -35.09 -0.60
N GLY A 354 -15.86 -35.53 -0.23
CA GLY A 354 -16.05 -36.93 0.13
C GLY A 354 -15.72 -37.91 -0.99
N GLU A 355 -15.77 -37.47 -2.24
CA GLU A 355 -15.54 -38.34 -3.39
C GLU A 355 -14.11 -38.32 -3.92
N ILE A 356 -13.18 -37.60 -3.30
CA ILE A 356 -11.83 -37.49 -3.82
C ILE A 356 -10.96 -38.58 -3.20
N ASP A 357 -10.33 -39.39 -4.05
CA ASP A 357 -9.45 -40.45 -3.57
C ASP A 357 -8.12 -39.87 -3.06
N ARG A 358 -7.49 -39.03 -3.87
CA ARG A 358 -6.32 -38.30 -3.42
C ARG A 358 -6.30 -36.94 -4.10
N GLY A 359 -6.18 -35.89 -3.32
CA GLY A 359 -6.25 -34.56 -3.91
C GLY A 359 -5.91 -33.48 -2.91
N TYR A 360 -6.12 -32.23 -3.33
CA TYR A 360 -5.84 -31.14 -2.41
C TYR A 360 -6.93 -30.09 -2.42
N LEU A 361 -7.23 -29.58 -1.23
CA LEU A 361 -8.04 -28.39 -1.05
C LEU A 361 -7.07 -27.21 -0.94
N VAL A 362 -7.09 -26.32 -1.92
CA VAL A 362 -6.20 -25.17 -1.97
C VAL A 362 -6.97 -23.96 -1.47
N ASP A 363 -6.66 -23.48 -0.27
CA ASP A 363 -7.41 -22.37 0.30
C ASP A 363 -6.77 -21.01 0.02
N GLY A 364 -5.44 -20.92 0.02
CA GLY A 364 -4.79 -19.67 -0.30
C GLY A 364 -3.58 -19.92 -1.18
N LEU A 365 -3.06 -18.82 -1.73
CA LEU A 365 -1.85 -18.84 -2.53
C LEU A 365 -0.75 -18.00 -1.88
N GLN A 366 -0.53 -18.17 -0.57
CA GLN A 366 0.47 -17.38 0.14
C GLN A 366 1.86 -17.95 -0.14
N GLY A 367 2.64 -17.24 -0.94
CA GLY A 367 3.94 -17.71 -1.31
C GLY A 367 4.39 -17.06 -2.60
N ALA A 368 5.58 -17.47 -3.04
CA ALA A 368 6.20 -16.91 -4.24
C ALA A 368 5.31 -17.12 -5.46
N HIS A 369 5.15 -16.05 -6.26
CA HIS A 369 4.21 -16.07 -7.37
C HIS A 369 4.66 -15.15 -8.48
N SER A 370 4.29 -15.52 -9.70
CA SER A 370 4.45 -14.71 -10.89
C SER A 370 3.24 -14.95 -11.78
N SER A 371 2.90 -13.95 -12.57
CA SER A 371 1.77 -14.07 -13.48
C SER A 371 1.99 -13.16 -14.67
N ASN A 372 1.41 -13.54 -15.79
CA ASN A 372 1.48 -12.77 -17.04
C ASN A 372 0.09 -12.80 -17.64
N PRO A 373 -0.69 -11.71 -17.49
CA PRO A 373 -2.04 -11.64 -18.08
C PRO A 373 -2.05 -11.54 -19.59
N ASP A 374 -0.91 -11.21 -20.22
CA ASP A 374 -0.87 -11.14 -21.68
C ASP A 374 -1.11 -12.51 -22.32
N ASN A 375 -0.67 -13.59 -21.68
CA ASN A 375 -0.92 -14.93 -22.19
C ASN A 375 -1.61 -15.85 -21.19
N GLY A 376 -1.81 -15.41 -19.95
CA GLY A 376 -2.43 -16.21 -18.92
C GLY A 376 -1.49 -17.09 -18.14
N ASN A 377 -0.18 -16.93 -18.28
CA ASN A 377 0.73 -17.87 -17.66
C ASN A 377 0.91 -17.51 -16.19
N PHE A 378 1.11 -18.53 -15.35
CA PHE A 378 1.22 -18.26 -13.93
C PHE A 378 2.09 -19.31 -13.26
N ALA A 379 2.59 -18.93 -12.10
CA ALA A 379 3.29 -19.84 -11.18
C ALA A 379 2.98 -19.36 -9.77
N VAL A 380 2.33 -20.20 -8.97
CA VAL A 380 1.91 -19.84 -7.61
C VAL A 380 2.28 -20.95 -6.63
N THR A 381 2.22 -20.60 -5.35
CA THR A 381 2.45 -21.52 -4.25
C THR A 381 1.13 -21.78 -3.54
N ALA A 382 0.70 -23.03 -3.49
CA ALA A 382 -0.52 -23.39 -2.77
C ALA A 382 -0.20 -23.44 -1.29
N ASN A 383 -0.77 -22.50 -0.54
CA ASN A 383 -0.51 -22.34 0.89
C ASN A 383 -1.49 -21.33 1.47
N PRO A 384 -2.33 -21.73 2.44
CA PRO A 384 -2.47 -23.08 2.94
C PRO A 384 -3.19 -24.05 1.99
N ALA A 385 -2.77 -25.32 2.03
CA ALA A 385 -3.40 -26.39 1.27
C ALA A 385 -3.51 -27.62 2.16
N PHE A 386 -4.51 -28.45 1.89
CA PHE A 386 -4.82 -29.58 2.74
C PHE A 386 -5.02 -30.85 1.90
N LEU A 387 -4.27 -31.88 2.26
CA LEU A 387 -4.35 -33.16 1.56
C LEU A 387 -5.65 -33.86 1.89
N ILE A 388 -6.32 -34.36 0.85
CA ILE A 388 -7.51 -35.19 0.96
C ILE A 388 -7.13 -36.59 0.55
N GLU A 389 -7.44 -37.57 1.42
CA GLU A 389 -7.26 -38.97 1.11
C GLU A 389 -8.51 -39.74 1.50
N ASP A 390 -9.05 -40.49 0.54
CA ASP A 390 -10.28 -41.26 0.73
C ASP A 390 -11.36 -40.38 1.35
N GLY A 391 -11.55 -39.20 0.75
CA GLY A 391 -12.65 -38.34 1.16
C GLY A 391 -12.46 -37.69 2.51
N GLU A 392 -11.24 -37.62 3.02
CA GLU A 392 -10.97 -37.07 4.33
C GLU A 392 -9.72 -36.22 4.28
N VAL A 393 -9.78 -35.05 4.91
CA VAL A 393 -8.61 -34.19 4.98
C VAL A 393 -7.63 -34.76 5.99
N LYS A 394 -6.38 -34.92 5.57
CA LYS A 394 -5.39 -35.59 6.40
C LYS A 394 -4.37 -34.66 7.04
N GLY A 395 -4.21 -33.45 6.53
CA GLY A 395 -3.20 -32.56 7.05
C GLY A 395 -2.91 -31.48 6.04
N SER A 396 -1.92 -30.65 6.35
CA SER A 396 -1.56 -29.53 5.49
C SER A 396 -0.32 -29.85 4.66
N ALA A 397 -0.19 -29.12 3.56
CA ALA A 397 0.90 -29.33 2.62
C ALA A 397 1.20 -28.02 1.90
N VAL A 398 2.36 -27.98 1.28
CA VAL A 398 2.77 -26.87 0.42
C VAL A 398 3.27 -27.45 -0.90
N PHE A 399 2.81 -26.88 -2.01
CA PHE A 399 3.32 -27.30 -3.31
C PHE A 399 3.23 -26.12 -4.26
N LEU A 400 3.74 -26.33 -5.46
CA LEU A 400 3.76 -25.33 -6.52
C LEU A 400 2.78 -25.72 -7.61
N ILE A 401 2.06 -24.73 -8.13
CA ILE A 401 1.22 -24.91 -9.29
C ILE A 401 1.72 -23.95 -10.36
N ALA A 402 2.17 -24.49 -11.49
CA ALA A 402 2.62 -23.66 -12.60
C ALA A 402 1.90 -24.10 -13.85
N GLY A 403 1.52 -23.13 -14.68
CA GLY A 403 0.78 -23.48 -15.88
C GLY A 403 0.15 -22.27 -16.49
N ASN A 404 -1.04 -22.49 -17.08
CA ASN A 404 -1.75 -21.43 -17.79
C ASN A 404 -3.21 -21.42 -17.36
N VAL A 405 -3.74 -20.23 -17.06
CA VAL A 405 -5.08 -20.14 -16.49
C VAL A 405 -6.13 -20.66 -17.46
N TYR A 406 -5.91 -20.51 -18.77
CA TYR A 406 -6.90 -20.99 -19.73
C TYR A 406 -6.92 -22.51 -19.79
N GLU A 407 -5.74 -23.14 -19.78
CA GLU A 407 -5.69 -24.59 -19.68
C GLU A 407 -6.31 -25.07 -18.37
N LEU A 408 -5.99 -24.40 -17.26
CA LEU A 408 -6.53 -24.77 -15.97
C LEU A 408 -8.04 -24.69 -15.97
N LEU A 409 -8.58 -23.61 -16.55
CA LEU A 409 -10.02 -23.41 -16.58
C LEU A 409 -10.70 -24.53 -17.34
N GLN A 410 -9.98 -25.10 -18.31
CA GLN A 410 -10.61 -26.20 -19.03
C GLN A 410 -10.65 -27.50 -18.23
N GLN A 411 -9.90 -27.59 -17.14
CA GLN A 411 -9.92 -28.76 -16.29
C GLN A 411 -11.06 -28.73 -15.29
N ALA A 412 -11.83 -27.65 -15.23
CA ALA A 412 -12.87 -27.51 -14.22
C ALA A 412 -13.98 -28.54 -14.47
N SER A 413 -14.27 -29.35 -13.46
CA SER A 413 -15.36 -30.31 -13.59
C SER A 413 -16.57 -29.96 -12.75
N GLU A 414 -16.42 -29.17 -11.70
CA GLU A 414 -17.58 -28.86 -10.87
C GLU A 414 -17.34 -27.59 -10.08
N VAL A 415 -18.43 -26.91 -9.70
CA VAL A 415 -18.43 -25.77 -8.80
C VAL A 415 -19.41 -26.09 -7.69
N SER A 416 -19.03 -25.76 -6.45
CA SER A 416 -19.88 -26.05 -5.30
C SER A 416 -21.12 -25.15 -5.29
N LYS A 417 -22.02 -25.48 -4.37
CA LYS A 417 -23.33 -24.88 -4.24
C LYS A 417 -23.35 -23.52 -3.55
N GLU A 418 -22.44 -23.28 -2.60
CA GLU A 418 -22.46 -22.03 -1.83
C GLU A 418 -21.69 -20.95 -2.57
N GLN A 419 -21.98 -19.69 -2.23
CA GLN A 419 -21.22 -18.59 -2.77
C GLN A 419 -20.69 -17.72 -1.64
N THR A 420 -19.41 -17.33 -1.76
CA THR A 420 -18.75 -16.49 -0.78
C THR A 420 -18.40 -15.14 -1.41
N VAL A 421 -18.69 -14.06 -0.67
CA VAL A 421 -18.28 -12.71 -1.06
C VAL A 421 -16.88 -12.45 -0.55
N MET A 422 -15.95 -12.20 -1.46
CA MET A 422 -14.60 -11.77 -1.16
C MET A 422 -14.55 -10.26 -1.21
N PRO A 423 -14.43 -9.58 -0.05
CA PRO A 423 -14.43 -8.10 -0.02
C PRO A 423 -13.15 -7.48 -0.52
N PHE A 424 -12.02 -8.14 -0.34
CA PHE A 424 -10.75 -7.51 -0.63
C PHE A 424 -10.43 -7.50 -2.12
N MET A 425 -9.63 -6.49 -2.51
CA MET A 425 -9.24 -6.23 -3.90
C MET A 425 -10.51 -6.13 -4.74
N ASN A 426 -10.50 -6.77 -5.91
CA ASN A 426 -11.73 -6.92 -6.68
C ASN A 426 -12.76 -7.65 -5.82
N THR A 427 -13.95 -7.07 -5.69
CA THR A 427 -15.02 -7.83 -5.04
C THR A 427 -15.37 -9.03 -5.90
N MET A 428 -15.27 -10.22 -5.32
CA MET A 428 -15.57 -11.40 -6.12
C MET A 428 -16.54 -12.29 -5.37
N ILE A 429 -17.55 -12.79 -6.06
CA ILE A 429 -18.54 -13.68 -5.46
C ILE A 429 -18.36 -15.05 -6.09
N THR A 430 -17.91 -16.04 -5.30
CA THR A 430 -17.49 -17.27 -5.96
C THR A 430 -17.73 -18.49 -5.08
N PRO A 431 -17.95 -19.66 -5.70
CA PRO A 431 -17.96 -20.91 -4.93
C PRO A 431 -16.59 -21.59 -4.95
N HIS A 432 -16.49 -22.81 -4.46
CA HIS A 432 -15.29 -23.61 -4.70
C HIS A 432 -15.35 -24.20 -6.10
N ILE A 433 -14.18 -24.36 -6.72
CA ILE A 433 -14.08 -24.95 -8.05
C ILE A 433 -13.15 -26.15 -7.99
N LYS A 434 -13.61 -27.29 -8.50
CA LYS A 434 -12.78 -28.48 -8.62
C LYS A 434 -12.18 -28.56 -10.02
N PHE A 435 -10.86 -28.64 -10.08
CA PHE A 435 -10.10 -28.87 -11.29
C PHE A 435 -9.54 -30.29 -11.27
N GLU A 436 -9.70 -31.01 -12.39
CA GLU A 436 -9.25 -32.39 -12.53
C GLU A 436 -7.80 -32.44 -12.99
N ASN A 437 -7.03 -33.35 -12.37
CA ASN A 437 -5.62 -33.69 -12.66
C ASN A 437 -4.80 -32.47 -13.10
N VAL A 438 -4.48 -31.64 -12.14
CA VAL A 438 -3.52 -30.57 -12.28
C VAL A 438 -2.16 -31.15 -11.92
N LYS A 439 -1.14 -30.80 -12.68
CA LYS A 439 0.20 -31.24 -12.39
C LYS A 439 0.81 -30.27 -11.40
N ILE A 440 1.21 -30.79 -10.25
CA ILE A 440 1.80 -29.99 -9.19
C ILE A 440 3.20 -30.51 -8.90
N ALA A 441 4.08 -29.60 -8.49
CA ALA A 441 5.44 -29.90 -8.08
C ALA A 441 5.55 -29.76 -6.57
N GLY A 442 6.10 -30.77 -5.92
CA GLY A 442 6.36 -30.71 -4.49
C GLY A 442 7.58 -29.87 -4.16
N ALA B 1 -7.77 26.29 27.51
CA ALA B 1 -7.22 25.13 28.21
C ALA B 1 -8.06 23.90 27.94
N ALA B 2 -8.35 23.66 26.65
CA ALA B 2 -9.22 22.55 26.28
C ALA B 2 -8.56 21.21 26.56
N MET B 3 -7.31 21.03 26.10
CA MET B 3 -6.74 19.68 26.17
C MET B 3 -6.36 19.30 27.60
N GLU B 4 -6.00 20.26 28.44
CA GLU B 4 -5.78 19.97 29.85
C GLU B 4 -7.07 19.50 30.52
N ASN B 5 -8.20 20.11 30.16
CA ASN B 5 -9.47 19.65 30.72
C ASN B 5 -9.83 18.27 30.20
N LEU B 6 -9.45 17.96 28.95
CA LEU B 6 -9.66 16.61 28.44
C LEU B 6 -8.80 15.59 29.19
N ILE B 7 -7.58 15.98 29.58
CA ILE B 7 -6.74 15.08 30.38
C ILE B 7 -7.38 14.81 31.73
N ARG B 8 -7.89 15.86 32.38
CA ARG B 8 -8.59 15.68 33.64
C ARG B 8 -9.81 14.77 33.47
N PHE B 9 -10.52 14.93 32.37
CA PHE B 9 -11.66 14.04 32.10
C PHE B 9 -11.19 12.60 31.95
N GLY B 10 -10.10 12.37 31.21
CA GLY B 10 -9.59 11.02 31.04
C GLY B 10 -9.14 10.38 32.35
N GLU B 11 -8.63 11.18 33.28
CA GLU B 11 -8.16 10.64 34.54
C GLU B 11 -9.26 10.02 35.40
N LYS B 12 -10.53 10.24 35.07
CA LYS B 12 -11.60 9.53 35.77
C LYS B 12 -11.68 8.05 35.41
N PHE B 13 -11.25 7.67 34.21
CA PHE B 13 -11.31 6.26 33.81
C PHE B 13 -9.97 5.55 33.83
N PHE B 14 -8.86 6.29 33.83
CA PHE B 14 -7.55 5.70 33.60
C PHE B 14 -6.57 6.06 34.71
N ASP B 15 -5.66 5.13 34.99
CA ASP B 15 -4.48 5.46 35.81
C ASP B 15 -3.64 6.51 35.11
N GLU B 16 -3.42 6.37 33.81
CA GLU B 16 -2.68 7.35 33.04
C GLU B 16 -3.21 7.34 31.61
N LEU B 17 -3.09 8.48 30.92
CA LEU B 17 -3.44 8.51 29.52
C LEU B 17 -2.62 9.55 28.78
N GLU B 18 -2.57 9.39 27.47
CA GLU B 18 -1.90 10.30 26.55
C GLU B 18 -2.88 10.73 25.46
N ILE B 19 -2.86 12.00 25.10
CA ILE B 19 -3.61 12.54 23.99
C ILE B 19 -2.64 13.11 22.97
N ALA B 20 -2.75 12.66 21.72
CA ALA B 20 -1.92 13.17 20.63
C ALA B 20 -2.83 13.67 19.53
N VAL B 21 -2.63 14.94 19.13
CA VAL B 21 -3.40 15.58 18.08
C VAL B 21 -2.47 15.84 16.91
N TYR B 22 -2.83 15.32 15.74
CA TYR B 22 -2.11 15.55 14.50
C TYR B 22 -2.97 16.40 13.57
N ARG B 23 -2.36 17.41 12.97
CA ARG B 23 -3.04 18.24 12.00
C ARG B 23 -2.13 18.33 10.79
N SER B 24 -2.70 18.34 9.61
CA SER B 24 -1.85 18.46 8.44
C SER B 24 -2.63 19.10 7.31
N ARG B 25 -1.86 19.67 6.39
CA ARG B 25 -2.36 20.14 5.11
C ARG B 25 -1.35 19.67 4.08
N ASP B 26 -1.80 18.90 3.09
CA ASP B 26 -0.93 18.32 2.07
C ASP B 26 -1.45 18.70 0.70
N ILE B 27 -0.57 19.15 -0.18
CA ILE B 27 -0.91 19.32 -1.59
C ILE B 27 -0.02 18.39 -2.40
N GLU B 28 -0.56 17.89 -3.50
CA GLU B 28 0.14 16.95 -4.37
C GLU B 28 -0.19 17.28 -5.81
N ALA B 29 0.71 16.90 -6.72
CA ALA B 29 0.44 16.94 -8.16
C ALA B 29 1.15 15.77 -8.80
N SER B 30 0.59 15.30 -9.93
CA SER B 30 1.12 14.11 -10.61
C SER B 30 1.22 14.36 -12.11
N VAL B 31 2.14 13.63 -12.74
CA VAL B 31 2.25 13.60 -14.19
C VAL B 31 2.26 12.14 -14.65
N GLU B 32 1.50 11.87 -15.72
CA GLU B 32 1.47 10.59 -16.42
C GLU B 32 1.68 10.85 -17.91
N LEU B 33 2.75 10.29 -18.47
CA LEU B 33 3.02 10.29 -19.91
C LEU B 33 2.96 11.70 -20.51
N ASN B 34 3.76 12.60 -19.92
CA ASN B 34 3.90 13.99 -20.35
C ASN B 34 2.64 14.81 -20.16
N GLU B 35 1.67 14.35 -19.36
CA GLU B 35 0.51 15.16 -19.04
C GLU B 35 0.41 15.35 -17.52
N ILE B 36 0.04 16.56 -17.09
CA ILE B 36 -0.34 16.72 -15.69
C ILE B 36 -1.66 15.99 -15.51
N SER B 37 -1.68 15.00 -14.62
CA SER B 37 -2.88 14.19 -14.47
C SER B 37 -3.68 14.49 -13.22
N MET B 38 -3.11 15.19 -12.25
CA MET B 38 -3.86 15.40 -11.01
C MET B 38 -3.18 16.50 -10.20
N ALA B 39 -4.00 17.28 -9.49
CA ALA B 39 -3.58 18.12 -8.37
C ALA B 39 -4.59 17.94 -7.24
N SER B 40 -4.12 17.88 -6.01
CA SER B 40 -5.02 17.67 -4.89
C SER B 40 -4.64 18.53 -3.70
N THR B 41 -5.64 18.82 -2.87
CA THR B 41 -5.47 19.51 -1.61
C THR B 41 -6.24 18.74 -0.54
N ARG B 42 -5.55 18.37 0.53
CA ARG B 42 -6.16 17.67 1.66
C ARG B 42 -5.73 18.37 2.94
N SER B 43 -6.64 18.48 3.90
CA SER B 43 -6.24 18.94 5.21
C SER B 43 -7.15 18.30 6.25
N GLY B 44 -6.64 18.14 7.45
CA GLY B 44 -7.47 17.53 8.47
C GLY B 44 -6.75 17.41 9.80
N ALA B 45 -7.46 16.86 10.76
CA ALA B 45 -6.97 16.71 12.11
C ALA B 45 -7.24 15.28 12.55
N LEU B 46 -6.44 14.79 13.49
CA LEU B 46 -6.59 13.44 13.98
C LEU B 46 -6.11 13.42 15.43
N THR B 47 -6.88 12.75 16.29
CA THR B 47 -6.54 12.59 17.69
C THR B 47 -6.47 11.11 18.03
N ILE B 48 -5.42 10.73 18.77
CA ILE B 48 -5.24 9.37 19.25
C ILE B 48 -5.17 9.39 20.77
N ILE B 49 -5.92 8.50 21.41
CA ILE B 49 -5.99 8.35 22.86
C ILE B 49 -5.40 7.00 23.22
N ARG B 50 -4.42 7.00 24.12
CA ARG B 50 -3.92 5.79 24.76
C ARG B 50 -4.14 5.94 26.25
N GLY B 51 -5.00 5.12 26.81
CA GLY B 51 -5.28 5.14 28.25
C GLY B 51 -4.95 3.80 28.85
N ILE B 52 -4.44 3.81 30.07
CA ILE B 52 -4.06 2.58 30.76
C ILE B 52 -4.76 2.55 32.12
N LYS B 53 -5.41 1.43 32.42
CA LYS B 53 -6.08 1.20 33.69
C LYS B 53 -5.73 -0.21 34.18
N ASP B 54 -5.01 -0.29 35.31
CA ASP B 54 -4.54 -1.60 35.83
C ASP B 54 -3.77 -2.36 34.74
N LYS B 55 -2.88 -1.65 34.05
CA LYS B 55 -2.04 -2.18 32.99
C LYS B 55 -2.86 -2.70 31.80
N ARG B 56 -4.12 -2.28 31.69
CA ARG B 56 -4.96 -2.63 30.54
C ARG B 56 -5.02 -1.41 29.64
N LEU B 57 -4.71 -1.60 28.36
CA LEU B 57 -4.53 -0.50 27.41
C LEU B 57 -5.75 -0.35 26.52
N GLY B 58 -6.24 0.89 26.40
CA GLY B 58 -7.26 1.23 25.42
C GLY B 58 -6.74 2.29 24.45
N LEU B 59 -6.98 2.11 23.17
CA LEU B 59 -6.49 3.04 22.16
C LEU B 59 -7.63 3.35 21.21
N ALA B 60 -7.97 4.63 21.09
CA ALA B 60 -9.04 5.07 20.18
C ALA B 60 -8.57 6.25 19.33
N ILE B 61 -9.11 6.32 18.11
CA ILE B 61 -8.70 7.30 17.11
C ILE B 61 -9.94 7.97 16.57
N VAL B 62 -9.90 9.30 16.46
CA VAL B 62 -10.98 10.02 15.78
C VAL B 62 -10.37 11.10 14.90
N ASP B 63 -10.93 11.28 13.71
CA ASP B 63 -10.40 12.24 12.76
C ASP B 63 -10.87 13.67 13.03
N SER B 64 -10.70 14.14 14.27
CA SER B 64 -11.09 15.49 14.64
C SER B 64 -10.34 15.87 15.92
N ASP B 65 -10.19 17.19 16.11
CA ASP B 65 -9.62 17.73 17.35
C ASP B 65 -10.66 18.48 18.17
N GLU B 66 -11.93 18.32 17.85
CA GLU B 66 -12.97 19.02 18.58
C GLU B 66 -13.21 18.35 19.93
N PRO B 67 -13.36 19.12 21.01
CA PRO B 67 -13.37 18.51 22.35
C PRO B 67 -14.43 17.43 22.57
N GLU B 68 -15.60 17.58 21.96
CA GLU B 68 -16.64 16.57 22.12
C GLU B 68 -16.23 15.25 21.47
N LYS B 69 -15.62 15.32 20.29
CA LYS B 69 -15.15 14.11 19.64
C LYS B 69 -14.04 13.46 20.43
N VAL B 70 -13.14 14.25 21.00
CA VAL B 70 -12.05 13.71 21.80
C VAL B 70 -12.59 13.04 23.05
N LYS B 71 -13.62 13.63 23.66
CA LYS B 71 -14.26 13.04 24.82
C LYS B 71 -14.90 11.70 24.47
N GLU B 72 -15.56 11.62 23.30
CA GLU B 72 -16.05 10.33 22.83
C GLU B 72 -14.92 9.32 22.65
N ALA B 73 -13.77 9.78 22.13
CA ALA B 73 -12.68 8.85 21.91
C ALA B 73 -12.10 8.34 23.22
N ILE B 74 -12.02 9.20 24.24
CA ILE B 74 -11.60 8.75 25.57
C ILE B 74 -12.55 7.69 26.12
N GLU B 75 -13.87 7.90 25.98
CA GLU B 75 -14.80 6.86 26.44
C GLU B 75 -14.63 5.56 25.65
N GLN B 76 -14.41 5.68 24.34
CA GLN B 76 -14.12 4.51 23.51
C GLN B 76 -12.90 3.74 24.05
N ALA B 77 -11.82 4.46 24.34
CA ALA B 77 -10.60 3.84 24.86
C ALA B 77 -10.85 3.20 26.23
N ALA B 78 -11.68 3.83 27.07
CA ALA B 78 -11.97 3.26 28.39
C ALA B 78 -12.73 1.95 28.28
N LYS B 79 -13.68 1.88 27.36
CA LYS B 79 -14.41 0.62 27.18
C LYS B 79 -13.51 -0.47 26.64
N MET B 80 -12.58 -0.09 25.74
CA MET B 80 -11.62 -1.08 25.25
C MET B 80 -10.71 -1.57 26.38
N ALA B 81 -10.21 -0.66 27.22
CA ALA B 81 -9.35 -1.09 28.32
C ALA B 81 -10.08 -2.09 29.22
N LYS B 82 -11.35 -1.83 29.54
CA LYS B 82 -12.02 -2.78 30.42
C LYS B 82 -12.25 -4.12 29.72
N LEU B 83 -12.26 -4.15 28.38
CA LEU B 83 -12.37 -5.46 27.73
C LEU B 83 -11.04 -6.23 27.61
N ASN B 84 -9.89 -5.58 27.76
CA ASN B 84 -8.60 -6.22 27.48
C ASN B 84 -8.02 -6.88 28.74
N SER B 85 -7.09 -7.82 28.52
CA SER B 85 -6.41 -8.32 29.70
C SER B 85 -5.14 -7.51 29.99
N PRO B 86 -4.69 -7.46 31.24
CA PRO B 86 -3.52 -6.63 31.58
C PRO B 86 -2.26 -7.10 30.86
N ASP B 87 -1.44 -6.12 30.47
CA ASP B 87 -0.12 -6.39 29.92
C ASP B 87 0.87 -6.26 31.07
N GLU B 88 1.37 -7.40 31.56
CA GLU B 88 2.25 -7.39 32.72
C GLU B 88 3.55 -6.65 32.44
N LYS B 89 3.99 -6.65 31.18
CA LYS B 89 5.19 -5.93 30.82
C LYS B 89 5.00 -4.41 30.77
N TRP B 90 3.77 -3.90 30.87
CA TRP B 90 3.55 -2.45 30.87
C TRP B 90 4.08 -1.81 32.15
N VAL B 91 4.71 -0.65 32.01
CA VAL B 91 5.25 0.06 33.17
C VAL B 91 4.65 1.45 33.33
N SER B 92 4.89 2.34 32.36
CA SER B 92 4.34 3.69 32.47
C SER B 92 4.53 4.44 31.16
N LEU B 93 3.80 5.53 31.02
CA LEU B 93 4.01 6.48 29.92
C LEU B 93 5.25 7.32 30.20
N PRO B 94 5.76 8.05 29.20
CA PRO B 94 6.94 8.89 29.44
C PRO B 94 6.66 10.02 30.41
N GLU B 95 7.69 10.38 31.17
CA GLU B 95 7.69 11.56 32.00
C GLU B 95 8.07 12.78 31.17
N PRO B 96 7.75 13.99 31.64
CA PRO B 96 8.24 15.18 30.94
C PRO B 96 9.76 15.13 30.87
N GLY B 97 10.31 15.65 29.78
CA GLY B 97 11.74 15.65 29.59
C GLY B 97 12.19 16.98 29.05
N LYS B 98 13.51 17.15 28.95
CA LYS B 98 14.10 18.37 28.45
C LYS B 98 14.39 18.26 26.95
N TYR B 99 13.84 19.19 26.17
CA TYR B 99 13.91 19.15 24.70
C TYR B 99 14.98 20.11 24.18
N ARG B 100 15.55 19.76 23.03
CA ARG B 100 16.37 20.71 22.31
C ARG B 100 15.54 21.92 21.87
N GLU B 101 16.23 22.97 21.43
CA GLU B 101 15.55 24.19 21.05
C GLU B 101 14.82 24.00 19.73
N LYS B 102 13.59 24.48 19.70
CA LYS B 102 12.79 24.37 18.49
C LYS B 102 13.32 25.34 17.43
N PRO B 103 13.57 24.87 16.21
CA PRO B 103 13.82 25.83 15.12
C PRO B 103 12.55 26.56 14.75
N LYS B 104 12.72 27.71 14.11
CA LYS B 104 11.57 28.48 13.65
C LYS B 104 10.94 27.78 12.45
N PRO B 105 9.61 27.68 12.42
CA PRO B 105 8.95 26.94 11.33
C PRO B 105 9.17 27.59 9.97
N ASN B 106 9.14 26.76 8.93
CA ASN B 106 9.25 27.20 7.54
C ASN B 106 7.84 27.53 7.02
N TYR B 107 7.32 28.67 7.48
CA TYR B 107 5.90 29.00 7.26
C TYR B 107 5.52 29.12 5.79
N GLU B 108 6.46 29.32 4.87
CA GLU B 108 6.10 29.37 3.46
C GLU B 108 5.49 28.08 2.95
N LEU B 109 5.71 26.96 3.62
CA LEU B 109 5.11 25.69 3.19
C LEU B 109 3.72 25.47 3.76
N LYS B 110 3.26 26.32 4.67
CA LYS B 110 2.01 26.06 5.37
C LYS B 110 0.78 26.24 4.49
N GLU B 111 0.84 27.11 3.46
CA GLU B 111 -0.32 27.41 2.62
C GLU B 111 0.01 27.37 1.13
N ALA B 112 1.02 26.62 0.72
CA ALA B 112 1.43 26.63 -0.68
C ALA B 112 0.32 26.10 -1.58
N SER B 113 0.31 26.59 -2.76
CA SER B 113 -0.72 26.22 -3.70
C SER B 113 -0.26 25.07 -4.60
N PRO B 114 -1.17 24.18 -4.97
CA PRO B 114 -0.82 23.13 -5.93
C PRO B 114 -0.30 23.67 -7.27
N ASP B 115 -0.59 24.94 -7.60
CA ASP B 115 -0.05 25.58 -8.80
C ASP B 115 1.47 25.51 -8.85
N ILE B 116 2.12 25.71 -7.71
CA ILE B 116 3.58 25.63 -7.64
C ILE B 116 4.06 24.28 -8.13
N LEU B 117 3.45 23.21 -7.60
CA LEU B 117 3.84 21.85 -7.99
C LEU B 117 3.54 21.59 -9.47
N VAL B 118 2.36 21.99 -9.92
CA VAL B 118 1.99 21.80 -11.32
C VAL B 118 3.03 22.45 -12.23
N GLU B 119 3.47 23.67 -11.89
CA GLU B 119 4.39 24.36 -12.80
C GLU B 119 5.78 23.74 -12.75
N LYS B 120 6.21 23.23 -11.59
CA LYS B 120 7.49 22.53 -11.60
C LYS B 120 7.42 21.29 -12.47
N LEU B 121 6.30 20.56 -12.45
CA LEU B 121 6.19 19.38 -13.29
C LEU B 121 6.14 19.74 -14.78
N VAL B 122 5.40 20.80 -15.13
CA VAL B 122 5.35 21.27 -16.51
C VAL B 122 6.75 21.62 -16.99
N LYS B 123 7.50 22.36 -16.17
CA LYS B 123 8.86 22.72 -16.50
C LYS B 123 9.73 21.50 -16.70
N GLY B 124 9.56 20.47 -15.85
CA GLY B 124 10.34 19.26 -16.01
C GLY B 124 10.07 18.56 -17.32
N ILE B 125 8.79 18.49 -17.72
CA ILE B 125 8.45 17.90 -19.02
C ILE B 125 9.15 18.66 -20.14
N LYS B 126 9.06 19.99 -20.10
CA LYS B 126 9.63 20.80 -21.18
C LYS B 126 11.14 20.64 -21.24
N LEU B 127 11.81 20.66 -20.09
CA LEU B 127 13.26 20.45 -20.06
C LEU B 127 13.64 19.08 -20.60
N ALA B 128 12.86 18.04 -20.24
CA ALA B 128 13.17 16.68 -20.69
C ALA B 128 13.12 16.58 -22.21
N ARG B 129 12.07 17.14 -22.81
CA ARG B 129 11.97 17.11 -24.27
C ARG B 129 13.07 17.95 -24.93
N GLU B 130 13.38 19.12 -24.37
CA GLU B 130 14.48 19.93 -24.92
C GLU B 130 15.80 19.17 -24.93
N LYS B 131 16.09 18.44 -23.85
CA LYS B 131 17.39 17.77 -23.75
C LYS B 131 17.46 16.49 -24.58
N ASP B 132 16.33 15.80 -24.79
CA ASP B 132 16.30 14.61 -25.63
C ASP B 132 14.90 14.47 -26.21
N LYS B 133 14.76 14.66 -27.52
CA LYS B 133 13.46 14.67 -28.16
C LYS B 133 12.72 13.35 -28.00
N ASN B 134 13.43 12.26 -27.70
CA ASN B 134 12.80 10.96 -27.49
C ASN B 134 12.59 10.61 -26.01
N ALA B 135 12.87 11.54 -25.09
CA ALA B 135 12.63 11.33 -23.67
C ALA B 135 11.20 11.70 -23.32
N VAL B 136 10.54 10.83 -22.58
CA VAL B 136 9.17 11.03 -22.12
C VAL B 136 9.17 10.96 -20.60
N VAL B 137 8.46 11.89 -19.97
CA VAL B 137 8.23 11.79 -18.54
C VAL B 137 7.06 10.83 -18.35
N ALA B 138 7.38 9.55 -18.11
CA ALA B 138 6.35 8.53 -17.98
C ALA B 138 5.55 8.71 -16.69
N GLY B 139 6.21 9.11 -15.61
CA GLY B 139 5.52 9.35 -14.36
C GLY B 139 6.29 10.35 -13.53
N GLY B 140 5.58 10.96 -12.59
CA GLY B 140 6.23 11.84 -11.64
C GLY B 140 5.21 12.42 -10.69
N ALA B 141 5.71 13.02 -9.62
CA ALA B 141 4.83 13.64 -8.64
C ALA B 141 5.59 14.68 -7.84
N GLY B 142 4.82 15.61 -7.27
CA GLY B 142 5.34 16.55 -6.31
C GLY B 142 4.39 16.65 -5.12
N GLY B 143 4.95 17.04 -3.99
CA GLY B 143 4.14 17.16 -2.78
C GLY B 143 4.71 18.19 -1.84
N VAL B 144 3.80 18.83 -1.12
CA VAL B 144 4.15 19.69 0.01
C VAL B 144 3.29 19.25 1.16
N SER B 145 3.91 19.01 2.32
CA SER B 145 3.20 18.56 3.50
C SER B 145 3.51 19.50 4.65
N TRP B 146 2.48 20.09 5.25
CA TRP B 146 2.61 20.87 6.47
C TRP B 146 2.00 20.06 7.61
N GLU B 147 2.74 19.87 8.69
CA GLU B 147 2.31 19.03 9.80
C GLU B 147 2.44 19.78 11.12
N GLU B 148 1.50 19.53 12.02
CA GLU B 148 1.50 20.02 13.39
C GLU B 148 1.18 18.86 14.31
N ARG B 149 1.90 18.78 15.43
CA ARG B 149 1.63 17.72 16.37
C ARG B 149 1.66 18.26 17.79
N HIS B 150 0.67 17.87 18.61
CA HIS B 150 0.60 18.22 20.03
C HIS B 150 0.48 16.93 20.82
N VAL B 151 1.40 16.67 21.73
CA VAL B 151 1.34 15.47 22.57
C VAL B 151 1.29 15.90 24.02
N LEU B 152 0.37 15.32 24.79
CA LEU B 152 0.37 15.56 26.22
C LEU B 152 -0.11 14.30 26.93
N ASN B 153 0.32 14.14 28.18
CA ASN B 153 -0.14 13.00 28.96
C ASN B 153 -0.33 13.43 30.42
N SER B 154 -0.91 12.53 31.21
CA SER B 154 -1.32 12.83 32.58
C SER B 154 -0.16 12.98 33.55
N HIS B 155 1.06 12.76 33.10
CA HIS B 155 2.22 13.00 33.93
C HIS B 155 2.78 14.38 33.76
N GLY B 156 2.11 15.24 32.97
CA GLY B 156 2.55 16.60 32.76
C GLY B 156 3.36 16.87 31.50
N LEU B 157 3.58 15.87 30.65
CA LEU B 157 4.22 16.09 29.36
C LEU B 157 3.29 16.91 28.44
N ASP B 158 3.77 18.03 27.87
CA ASP B 158 3.09 18.75 26.78
C ASP B 158 4.21 19.22 25.87
N VAL B 159 4.16 18.85 24.59
CA VAL B 159 5.09 19.34 23.58
C VAL B 159 4.31 19.57 22.30
N PHE B 160 4.64 20.65 21.59
CA PHE B 160 4.00 21.03 20.35
C PHE B 160 5.08 21.44 19.36
N GLN B 161 4.87 21.10 18.08
CA GLN B 161 5.75 21.59 17.03
C GLN B 161 5.02 21.49 15.69
N GLU B 162 5.41 22.34 14.76
CA GLU B 162 4.87 22.35 13.42
C GLU B 162 6.00 22.62 12.43
N GLY B 163 5.83 22.13 11.21
CA GLY B 163 6.83 22.34 10.17
C GLY B 163 6.40 21.66 8.90
N GLY B 164 7.11 21.94 7.82
CA GLY B 164 6.72 21.46 6.51
C GLY B 164 7.89 20.88 5.75
N ALA B 165 7.56 20.07 4.74
CA ALA B 165 8.57 19.53 3.85
C ALA B 165 7.97 19.34 2.46
N ALA B 166 8.84 19.34 1.45
CA ALA B 166 8.46 19.24 0.06
C ALA B 166 9.36 18.24 -0.66
N TYR B 167 8.82 17.65 -1.72
CA TYR B 167 9.53 16.65 -2.49
C TYR B 167 8.99 16.63 -3.90
N MET B 168 9.78 16.05 -4.80
CA MET B 168 9.36 15.84 -6.18
C MET B 168 10.21 14.73 -6.78
N TYR B 169 9.60 13.92 -7.65
CA TYR B 169 10.38 12.97 -8.42
C TYR B 169 9.85 12.91 -9.84
N LEU B 170 10.72 12.52 -10.77
CA LEU B 170 10.36 12.22 -12.14
C LEU B 170 10.89 10.86 -12.54
N GLU B 171 10.11 10.15 -13.36
CA GLU B 171 10.51 8.90 -14.00
C GLU B 171 10.54 9.10 -15.52
N ILE B 172 11.73 9.04 -16.10
CA ILE B 172 11.94 9.38 -17.49
C ILE B 172 12.29 8.11 -18.26
N VAL B 173 11.64 7.93 -19.40
CA VAL B 173 11.86 6.79 -20.29
C VAL B 173 12.29 7.29 -21.66
N GLY B 174 13.30 6.65 -22.24
CA GLY B 174 13.77 6.96 -23.58
C GLY B 174 13.47 5.86 -24.58
N ARG B 175 13.38 6.24 -25.86
CA ARG B 175 13.28 5.31 -26.97
C ARG B 175 14.22 5.80 -28.07
N LYS B 176 15.18 4.96 -28.48
CA LYS B 176 16.12 5.33 -29.53
C LYS B 176 15.95 4.43 -30.75
N GLY B 177 16.36 3.17 -30.68
CA GLY B 177 16.10 2.28 -31.79
C GLY B 177 14.73 1.69 -31.53
N SER B 178 14.70 0.37 -31.40
CA SER B 178 13.53 -0.33 -30.88
C SER B 178 13.79 -0.75 -29.45
N VAL B 179 14.89 -0.29 -28.86
CA VAL B 179 15.17 -0.46 -27.45
C VAL B 179 14.54 0.70 -26.69
N VAL B 180 13.77 0.35 -25.67
CA VAL B 180 13.22 1.31 -24.71
C VAL B 180 13.97 1.14 -23.39
N THR B 181 14.43 2.27 -22.84
CA THR B 181 15.16 2.23 -21.59
C THR B 181 14.23 1.87 -20.44
N PRO B 182 14.77 1.39 -19.32
CA PRO B 182 13.95 1.26 -18.11
C PRO B 182 13.68 2.63 -17.51
N GLY B 183 12.59 2.72 -16.75
CA GLY B 183 12.25 3.95 -16.07
C GLY B 183 13.43 4.42 -15.23
N ILE B 184 13.87 5.65 -15.48
CA ILE B 184 14.99 6.24 -14.76
C ILE B 184 14.43 7.27 -13.80
N PHE B 185 14.64 7.05 -12.50
CA PHE B 185 14.02 7.85 -11.45
C PHE B 185 15.01 8.84 -10.88
N ASP B 186 14.55 10.06 -10.67
CA ASP B 186 15.32 11.00 -9.86
C ASP B 186 14.37 11.89 -9.07
N PHE B 187 14.93 12.61 -8.10
CA PHE B 187 14.09 13.23 -7.09
C PHE B 187 14.84 14.35 -6.40
N ASP B 188 14.09 15.13 -5.64
CA ASP B 188 14.63 16.17 -4.77
C ASP B 188 13.68 16.31 -3.60
N ALA B 189 14.24 16.60 -2.42
CA ALA B 189 13.43 16.76 -1.23
C ALA B 189 14.09 17.80 -0.36
N ARG B 190 13.28 18.66 0.24
CA ARG B 190 13.83 19.82 0.93
C ARG B 190 12.74 20.43 1.78
N ARG B 191 13.11 21.47 2.53
CA ARG B 191 12.21 22.19 3.41
C ARG B 191 11.81 23.55 2.86
N ASP B 192 11.90 23.74 1.55
CA ASP B 192 11.39 24.95 0.92
C ASP B 192 10.85 24.56 -0.45
N LEU B 193 10.28 25.53 -1.17
CA LEU B 193 9.59 25.27 -2.43
C LEU B 193 10.51 25.35 -3.65
N ASN B 194 11.79 25.68 -3.47
CA ASN B 194 12.72 25.77 -4.60
C ASN B 194 13.21 24.38 -5.00
N LEU B 195 12.26 23.54 -5.39
CA LEU B 195 12.59 22.19 -5.80
C LEU B 195 13.44 22.22 -7.07
N ASP B 196 14.48 21.40 -7.08
CA ASP B 196 15.49 21.44 -8.14
C ASP B 196 15.08 20.52 -9.30
N VAL B 197 14.12 21.00 -10.08
CA VAL B 197 13.66 20.19 -11.21
C VAL B 197 14.71 20.13 -12.32
N GLU B 198 15.48 21.20 -12.51
CA GLU B 198 16.60 21.18 -13.45
C GLU B 198 17.56 20.02 -13.17
N GLY B 199 18.02 19.91 -11.92
CA GLY B 199 18.95 18.84 -11.58
C GLY B 199 18.36 17.47 -11.80
N ILE B 200 17.10 17.30 -11.44
CA ILE B 200 16.41 16.03 -11.65
C ILE B 200 16.44 15.66 -13.12
N VAL B 201 16.07 16.61 -13.99
CA VAL B 201 15.98 16.31 -15.42
C VAL B 201 17.36 16.03 -15.98
N GLU B 202 18.37 16.84 -15.62
CA GLU B 202 19.73 16.63 -16.10
C GLU B 202 20.23 15.23 -15.76
N ARG B 203 20.13 14.85 -14.48
CA ARG B 203 20.64 13.54 -14.08
C ARG B 203 19.87 12.40 -14.75
N ALA B 204 18.54 12.50 -14.75
CA ALA B 204 17.74 11.44 -15.33
C ALA B 204 18.01 11.28 -16.83
N VAL B 205 18.11 12.41 -17.54
CA VAL B 205 18.25 12.35 -18.99
C VAL B 205 19.63 11.79 -19.34
N GLN B 206 20.66 12.18 -18.58
CA GLN B 206 21.99 11.59 -18.75
C GLN B 206 21.95 10.07 -18.55
N LYS B 207 21.29 9.60 -17.49
CA LYS B 207 21.19 8.16 -17.30
C LYS B 207 20.42 7.50 -18.45
N VAL B 208 19.45 8.19 -19.04
CA VAL B 208 18.75 7.63 -20.19
C VAL B 208 19.70 7.50 -21.38
N GLN B 209 20.56 8.49 -21.57
CA GLN B 209 21.59 8.41 -22.61
C GLN B 209 22.40 7.14 -22.44
N TRP B 210 22.87 6.89 -21.22
CA TRP B 210 23.62 5.66 -20.96
C TRP B 210 22.78 4.41 -21.21
N ALA B 211 21.50 4.42 -20.81
CA ALA B 211 20.65 3.25 -20.94
C ALA B 211 20.30 2.93 -22.38
N TYR B 212 20.55 3.84 -23.33
CA TYR B 212 20.32 3.48 -24.73
C TYR B 212 21.21 2.33 -25.20
N ASN B 213 22.37 2.12 -24.56
CA ASN B 213 23.33 1.08 -24.96
C ASN B 213 23.37 -0.01 -23.89
N VAL B 214 22.56 -1.04 -24.06
CA VAL B 214 22.56 -2.18 -23.15
C VAL B 214 23.78 -3.05 -23.44
N VAL B 215 24.47 -3.45 -22.38
CA VAL B 215 25.68 -4.29 -22.44
C VAL B 215 25.44 -5.52 -21.57
N PRO B 216 25.84 -6.72 -22.01
CA PRO B 216 25.60 -7.91 -21.19
C PRO B 216 26.53 -7.98 -19.98
N SER B 217 26.04 -8.63 -18.93
CA SER B 217 26.78 -8.81 -17.69
C SER B 217 27.16 -10.28 -17.50
N LYS B 218 28.31 -10.49 -16.87
CA LYS B 218 28.83 -11.82 -16.63
C LYS B 218 29.13 -12.00 -15.14
N ASN B 219 29.30 -13.26 -14.73
CA ASN B 219 29.70 -13.55 -13.37
C ASN B 219 31.11 -13.04 -13.13
N GLU B 220 31.29 -12.20 -12.11
CA GLU B 220 32.60 -11.63 -11.86
C GLU B 220 32.64 -11.01 -10.47
N GLU B 221 33.82 -10.54 -10.10
CA GLU B 221 34.06 -9.89 -8.81
C GLU B 221 34.60 -8.51 -9.11
N VAL B 222 33.84 -7.48 -8.74
CA VAL B 222 34.08 -6.15 -9.28
C VAL B 222 33.62 -5.09 -8.27
N PRO B 223 34.19 -3.88 -8.27
CA PRO B 223 33.66 -2.84 -7.39
C PRO B 223 32.31 -2.29 -7.84
N LEU B 224 31.47 -1.98 -6.85
CA LEU B 224 30.17 -1.38 -7.08
C LEU B 224 30.06 -0.05 -6.36
N ILE B 225 29.55 0.96 -7.04
CA ILE B 225 29.27 2.24 -6.41
C ILE B 225 27.75 2.33 -6.26
N PHE B 226 27.28 2.16 -5.03
CA PHE B 226 25.85 2.26 -4.72
C PHE B 226 25.47 3.73 -4.58
N GLY B 227 24.39 4.12 -5.26
CA GLY B 227 23.80 5.43 -5.11
C GLY B 227 22.78 5.50 -3.98
N PRO B 228 22.29 6.71 -3.68
CA PRO B 228 21.38 6.89 -2.52
C PRO B 228 20.12 6.04 -2.54
N TRP B 229 19.45 5.90 -3.67
CA TRP B 229 18.21 5.11 -3.72
C TRP B 229 18.47 3.64 -3.41
N ALA B 230 19.54 3.06 -3.98
CA ALA B 230 19.88 1.67 -3.74
C ALA B 230 20.32 1.42 -2.29
N ILE B 231 21.08 2.36 -1.73
CA ILE B 231 21.44 2.29 -0.32
C ILE B 231 20.18 2.31 0.56
N ALA B 232 19.27 3.26 0.30
CA ALA B 232 18.07 3.35 1.11
C ALA B 232 17.27 2.05 1.06
N GLY B 233 17.06 1.52 -0.15
CA GLY B 233 16.27 0.29 -0.25
C GLY B 233 16.94 -0.86 0.47
N LEU B 234 18.22 -1.12 0.15
CA LEU B 234 18.93 -2.24 0.74
C LEU B 234 19.00 -2.14 2.25
N PHE B 235 19.42 -0.98 2.77
CA PHE B 235 19.65 -0.85 4.20
C PHE B 235 18.35 -0.86 4.98
N SER B 236 17.29 -0.23 4.46
CA SER B 236 16.00 -0.29 5.14
C SER B 236 15.47 -1.71 5.20
N TYR B 237 15.79 -2.55 4.21
CA TYR B 237 15.23 -3.90 4.34
C TYR B 237 16.13 -4.88 5.11
N THR B 238 17.45 -4.71 5.12
CA THR B 238 18.30 -5.77 5.66
C THR B 238 19.09 -5.37 6.90
N LEU B 239 19.35 -4.09 7.12
CA LEU B 239 20.26 -3.63 8.16
C LEU B 239 19.56 -2.88 9.28
N LEU B 240 18.81 -1.83 8.94
CA LEU B 240 18.18 -0.99 9.97
C LEU B 240 17.30 -1.74 10.96
N PRO B 241 16.48 -2.73 10.58
CA PRO B 241 15.68 -3.43 11.61
C PRO B 241 16.53 -4.04 12.71
N ALA B 242 17.77 -4.43 12.41
CA ALA B 242 18.63 -5.08 13.40
C ALA B 242 18.97 -4.15 14.56
N PHE B 243 18.82 -2.82 14.39
CA PHE B 243 19.15 -1.88 15.45
C PHE B 243 18.01 -1.67 16.44
N SER B 244 16.90 -2.40 16.27
CA SER B 244 15.72 -2.17 17.09
C SER B 244 15.82 -2.91 18.43
N GLY B 245 15.66 -2.16 19.52
CA GLY B 245 15.66 -2.78 20.82
C GLY B 245 14.58 -3.83 21.01
N GLU B 246 13.46 -3.71 20.29
CA GLU B 246 12.43 -4.72 20.40
C GLU B 246 12.95 -6.08 19.92
N ARG B 247 13.75 -6.07 18.86
CA ARG B 247 14.35 -7.30 18.37
C ARG B 247 15.41 -7.80 19.32
N LEU B 248 16.09 -6.90 20.03
CA LEU B 248 17.00 -7.36 21.06
C LEU B 248 16.24 -8.08 22.17
N VAL B 249 15.10 -7.52 22.60
CA VAL B 249 14.31 -8.19 23.63
C VAL B 249 13.76 -9.51 23.12
N LYS B 250 13.36 -9.57 21.86
CA LYS B 250 12.77 -10.79 21.32
C LYS B 250 13.81 -11.73 20.70
N GLU B 251 15.09 -11.38 20.74
CA GLU B 251 16.17 -12.24 20.24
C GLU B 251 16.03 -12.55 18.75
N THR B 252 15.70 -11.52 17.96
CA THR B 252 15.64 -11.67 16.50
C THR B 252 16.56 -10.67 15.78
N THR B 253 17.57 -10.14 16.46
CA THR B 253 18.58 -9.30 15.81
C THR B 253 19.93 -9.98 15.84
N PRO B 254 20.67 -10.04 14.71
CA PRO B 254 22.02 -10.62 14.73
C PRO B 254 23.02 -9.77 15.48
N LEU B 255 22.65 -8.59 15.95
CA LEU B 255 23.57 -7.70 16.62
C LEU B 255 23.53 -7.86 18.13
N ALA B 256 22.72 -8.78 18.66
CA ALA B 256 22.75 -9.07 20.09
C ALA B 256 24.16 -9.47 20.50
N GLY B 257 24.66 -8.88 21.60
CA GLY B 257 25.98 -9.24 22.10
C GLY B 257 27.15 -8.74 21.27
N LYS B 258 26.95 -7.83 20.32
CA LYS B 258 28.04 -7.39 19.44
C LYS B 258 28.45 -5.92 19.63
N VAL B 259 28.07 -5.29 20.74
CA VAL B 259 28.47 -3.90 20.93
C VAL B 259 30.00 -3.81 20.95
N GLY B 260 30.53 -2.86 20.17
CA GLY B 260 31.95 -2.63 20.03
C GLY B 260 32.62 -3.42 18.93
N GLU B 261 31.94 -4.39 18.35
CA GLU B 261 32.50 -5.21 17.30
C GLU B 261 32.41 -4.47 15.98
N LYS B 262 33.40 -4.68 15.10
CA LYS B 262 33.38 -4.00 13.82
C LYS B 262 32.48 -4.77 12.88
N ILE B 263 31.32 -4.20 12.55
CA ILE B 263 30.37 -4.84 11.67
C ILE B 263 30.40 -4.22 10.30
N ALA B 264 31.20 -3.19 10.10
CA ALA B 264 31.35 -2.52 8.84
C ALA B 264 32.79 -2.03 8.72
N SER B 265 33.15 -1.64 7.51
CA SER B 265 34.44 -0.99 7.30
C SER B 265 34.50 0.31 8.07
N GLU B 266 35.73 0.72 8.42
CA GLU B 266 35.94 1.95 9.16
C GLU B 266 35.46 3.19 8.40
N VAL B 267 35.13 3.02 7.12
CA VAL B 267 34.70 4.15 6.32
C VAL B 267 33.30 4.59 6.73
N ILE B 268 32.50 3.67 7.32
CA ILE B 268 31.07 3.84 7.55
C ILE B 268 30.81 4.39 8.95
N THR B 269 30.17 5.55 9.03
CA THR B 269 29.55 6.00 10.27
C THR B 269 28.07 6.26 9.99
N LEU B 270 27.19 5.66 10.80
CA LEU B 270 25.74 5.70 10.62
C LEU B 270 25.08 6.14 11.92
N TYR B 271 24.22 7.16 11.84
CA TYR B 271 23.52 7.63 13.05
C TYR B 271 22.13 8.16 12.72
N ASP B 272 21.33 8.33 13.77
CA ASP B 272 19.96 8.85 13.66
C ASP B 272 19.91 10.22 14.32
N ASP B 273 19.60 11.25 13.53
CA ASP B 273 19.54 12.60 14.08
C ASP B 273 18.59 13.49 13.28
N PRO B 274 17.43 13.84 13.83
CA PRO B 274 16.52 14.76 13.12
C PRO B 274 17.05 16.19 12.99
N PHE B 275 18.12 16.55 13.71
CA PHE B 275 18.70 17.88 13.66
C PHE B 275 19.83 17.98 12.64
N HIS B 276 20.04 16.95 11.83
CA HIS B 276 21.00 17.07 10.76
C HIS B 276 20.59 18.21 9.82
N PRO B 277 21.56 18.95 9.27
CA PRO B 277 21.21 20.10 8.42
C PRO B 277 20.30 19.78 7.24
N LEU B 278 20.34 18.57 6.68
CA LEU B 278 19.51 18.20 5.54
C LEU B 278 18.23 17.48 5.95
N SER B 279 18.00 17.32 7.24
CA SER B 279 16.81 16.63 7.70
C SER B 279 15.55 17.35 7.21
N LEU B 280 14.55 16.57 6.82
CA LEU B 280 13.27 17.15 6.41
C LEU B 280 12.37 17.48 7.59
N ARG B 281 12.59 16.87 8.75
CA ARG B 281 11.70 17.02 9.91
C ARG B 281 12.54 17.21 11.16
N PRO B 282 12.92 18.45 11.48
CA PRO B 282 13.74 18.71 12.68
C PRO B 282 12.95 18.63 13.99
N THR B 283 12.42 17.44 14.28
CA THR B 283 11.52 17.29 15.41
C THR B 283 12.29 17.18 16.72
N ILE B 284 11.79 17.88 17.75
CA ILE B 284 12.43 17.83 19.08
C ILE B 284 11.89 16.72 19.96
N ALA B 285 10.81 16.04 19.57
CA ALA B 285 10.24 14.98 20.38
C ALA B 285 9.69 13.91 19.45
N ASP B 286 9.62 12.68 19.94
CA ASP B 286 9.08 11.63 19.10
C ASP B 286 7.55 11.61 19.28
N ASP B 287 6.89 10.57 18.75
CA ASP B 287 5.43 10.56 18.72
C ASP B 287 4.80 10.30 20.07
N GLU B 288 5.56 9.92 21.09
CA GLU B 288 5.02 9.85 22.44
C GLU B 288 5.65 10.90 23.35
N GLY B 289 6.31 11.90 22.76
CA GLY B 289 6.79 13.03 23.53
C GLY B 289 8.17 12.87 24.16
N VAL B 290 8.86 11.77 23.92
CA VAL B 290 10.23 11.62 24.46
C VAL B 290 11.17 12.52 23.69
N PRO B 291 12.10 13.22 24.35
CA PRO B 291 12.98 14.11 23.61
C PRO B 291 13.85 13.35 22.63
N THR B 292 14.02 13.97 21.50
CA THR B 292 14.80 13.44 20.41
C THR B 292 16.29 13.79 20.59
N ARG B 293 17.18 12.99 20.00
CA ARG B 293 18.61 13.20 20.19
C ARG B 293 19.37 12.54 19.04
N LYS B 294 20.69 12.76 19.02
CA LYS B 294 21.59 12.09 18.09
C LYS B 294 21.94 10.70 18.60
N ASN B 295 21.58 9.66 17.85
CA ASN B 295 21.82 8.27 18.25
C ASN B 295 22.84 7.67 17.29
N VAL B 296 24.07 7.45 17.76
CA VAL B 296 25.10 6.89 16.89
C VAL B 296 24.94 5.38 16.87
N LEU B 297 24.82 4.81 15.67
CA LEU B 297 24.60 3.38 15.52
C LEU B 297 25.85 2.62 15.13
N ILE B 298 26.62 3.16 14.19
CA ILE B 298 27.90 2.63 13.77
C ILE B 298 28.89 3.79 13.78
N GLU B 299 29.97 3.64 14.55
CA GLU B 299 31.02 4.66 14.60
C GLU B 299 32.32 4.07 14.07
N ASN B 300 32.76 4.54 12.90
CA ASN B 300 33.97 4.06 12.22
C ASN B 300 33.98 2.54 12.14
N GLY B 301 32.86 1.96 11.69
CA GLY B 301 32.70 0.54 11.54
C GLY B 301 32.24 -0.22 12.77
N ALA B 302 32.28 0.38 13.95
CA ALA B 302 32.00 -0.33 15.20
C ALA B 302 30.53 -0.16 15.59
N PHE B 303 29.88 -1.27 15.95
CA PHE B 303 28.48 -1.24 16.38
C PHE B 303 28.36 -0.63 17.77
N LYS B 304 27.50 0.39 17.92
CA LYS B 304 27.41 1.16 19.16
C LYS B 304 26.24 0.77 20.06
N GLY B 305 25.09 0.41 19.51
CA GLY B 305 23.95 0.07 20.34
C GLY B 305 22.65 0.19 19.57
N PHE B 306 21.55 0.02 20.30
CA PHE B 306 20.20 -0.11 19.75
C PHE B 306 19.39 1.15 20.01
N VAL B 307 18.31 1.33 19.21
CA VAL B 307 17.34 2.40 19.46
C VAL B 307 16.12 1.83 20.16
N TRP B 308 15.48 2.68 20.96
CA TRP B 308 14.42 2.25 21.86
C TRP B 308 13.26 3.24 21.86
N ASP B 309 12.06 2.72 22.03
CA ASP B 309 10.92 3.53 22.42
C ASP B 309 10.67 3.30 23.91
N ASN B 310 9.64 3.94 24.45
CA ASN B 310 9.37 3.88 25.89
C ASN B 310 9.05 2.45 26.34
N TYR B 311 8.18 1.77 25.62
CA TYR B 311 7.66 0.47 26.04
C TYR B 311 8.76 -0.60 26.10
N TRP B 312 9.51 -0.77 25.00
CA TRP B 312 10.53 -1.81 24.98
C TRP B 312 11.72 -1.45 25.87
N ALA B 313 12.06 -0.16 25.96
CA ALA B 313 13.16 0.23 26.86
C ALA B 313 12.84 -0.14 28.29
N LYS B 314 11.61 0.14 28.73
CA LYS B 314 11.29 -0.20 30.10
C LYS B 314 11.19 -1.70 30.31
N ILE B 315 10.89 -2.47 29.26
CA ILE B 315 10.98 -3.93 29.42
C ILE B 315 12.44 -4.36 29.62
N TYR B 316 13.36 -3.77 28.86
CA TYR B 316 14.76 -4.14 28.96
C TYR B 316 15.43 -3.57 30.22
N GLY B 317 14.97 -2.43 30.72
CA GLY B 317 15.58 -1.75 31.85
C GLY B 317 16.31 -0.46 31.49
N THR B 318 16.28 -0.05 30.23
CA THR B 318 16.96 1.14 29.78
C THR B 318 15.92 2.24 29.58
N GLU B 319 16.30 3.31 28.89
CA GLU B 319 15.40 4.43 28.60
C GLU B 319 15.24 4.62 27.09
N SER B 320 14.08 5.16 26.72
CA SER B 320 13.84 5.48 25.33
C SER B 320 14.94 6.38 24.79
N THR B 321 15.33 6.15 23.55
CA THR B 321 16.25 7.04 22.85
C THR B 321 15.50 8.05 22.01
N GLY B 322 14.19 8.18 22.21
CA GLY B 322 13.38 9.05 21.37
C GLY B 322 13.05 8.46 20.02
N ASN B 323 12.88 7.14 19.94
CA ASN B 323 12.61 6.48 18.67
C ASN B 323 11.25 5.79 18.63
N GLY B 324 10.28 6.34 19.35
CA GLY B 324 8.91 5.88 19.21
C GLY B 324 8.18 6.61 18.11
N LYS B 325 7.90 5.93 16.98
CA LYS B 325 7.18 6.47 15.84
C LYS B 325 5.72 6.00 15.85
N ARG B 326 4.84 6.88 15.39
CA ARG B 326 3.42 6.57 15.39
C ARG B 326 3.08 5.69 14.18
N ASP B 327 2.45 4.55 14.41
CA ASP B 327 2.01 3.70 13.31
C ASP B 327 0.85 4.37 12.55
N ILE B 328 0.99 4.43 11.24
CA ILE B 328 0.07 5.23 10.43
C ILE B 328 -1.33 4.60 10.40
N ARG B 329 -1.42 3.26 10.42
CA ARG B 329 -2.73 2.63 10.38
C ARG B 329 -3.28 2.30 11.78
N SER B 330 -2.45 1.75 12.66
CA SER B 330 -2.89 1.31 13.98
C SER B 330 -2.97 2.44 15.01
N GLY B 331 -2.21 3.52 14.85
CA GLY B 331 -2.15 4.53 15.89
C GLY B 331 -1.26 4.18 17.07
N GLY B 332 -0.66 2.99 17.10
CA GLY B 332 0.24 2.65 18.17
C GLY B 332 1.64 3.21 17.95
N ILE B 333 2.49 2.98 18.92
CA ILE B 333 3.88 3.39 18.87
C ILE B 333 4.71 2.16 18.51
N ASN B 334 5.59 2.31 17.53
CA ASN B 334 6.58 1.30 17.20
C ASN B 334 7.95 1.97 17.12
N ILE B 335 9.00 1.19 17.31
CA ILE B 335 10.34 1.74 17.16
C ILE B 335 10.59 2.07 15.70
N GLY B 336 11.15 3.24 15.43
CA GLY B 336 11.51 3.65 14.07
C GLY B 336 12.54 4.76 14.11
N PHE B 337 12.92 5.22 12.92
CA PHE B 337 13.98 6.20 12.77
C PHE B 337 13.43 7.55 12.32
N HIS B 338 14.21 8.60 12.59
CA HIS B 338 13.85 9.96 12.17
C HIS B 338 14.57 10.35 10.89
N SER B 339 15.89 10.51 10.94
CA SER B 339 16.72 10.82 9.78
C SER B 339 18.01 10.01 9.92
N VAL B 340 18.12 8.95 9.15
CA VAL B 340 19.31 8.10 9.18
C VAL B 340 20.39 8.70 8.28
N VAL B 341 21.55 8.99 8.88
CA VAL B 341 22.63 9.69 8.22
C VAL B 341 23.80 8.73 8.07
N ILE B 342 24.31 8.63 6.85
CA ILE B 342 25.60 8.02 6.55
C ILE B 342 26.57 9.16 6.31
N GLU B 343 27.68 9.19 7.05
CA GLU B 343 28.61 10.30 6.95
C GLU B 343 29.29 10.32 5.58
N ASN B 344 29.50 11.52 5.04
CA ASN B 344 30.07 11.67 3.72
C ASN B 344 31.60 11.70 3.78
N GLY B 345 32.22 11.62 2.61
CA GLY B 345 33.67 11.63 2.46
C GLY B 345 34.25 12.92 1.91
N LYS B 346 35.41 12.83 1.25
CA LYS B 346 36.15 14.02 0.86
C LYS B 346 36.21 14.28 -0.64
N ARG B 347 35.97 13.28 -1.48
CA ARG B 347 36.10 13.43 -2.93
C ARG B 347 34.76 13.23 -3.62
N SER B 348 34.65 13.82 -4.81
CA SER B 348 33.40 13.75 -5.54
C SER B 348 33.20 12.36 -6.12
N LEU B 349 31.93 12.04 -6.43
CA LEU B 349 31.62 10.77 -7.08
C LEU B 349 32.36 10.64 -8.39
N GLU B 350 32.71 11.78 -8.99
CA GLU B 350 33.23 11.84 -10.34
C GLU B 350 34.70 11.44 -10.31
N ASP B 351 35.43 11.93 -9.29
CA ASP B 351 36.79 11.47 -8.99
C ASP B 351 36.81 9.97 -8.74
N ILE B 352 35.85 9.47 -7.97
CA ILE B 352 35.84 8.06 -7.61
C ILE B 352 35.57 7.20 -8.84
N ILE B 353 34.61 7.60 -9.68
CA ILE B 353 34.34 6.83 -10.88
C ILE B 353 35.55 6.85 -11.81
N GLY B 354 36.26 7.98 -11.87
CA GLY B 354 37.39 8.10 -12.77
C GLY B 354 38.50 7.09 -12.54
N GLU B 355 38.60 6.54 -11.32
CA GLU B 355 39.67 5.60 -10.96
C GLU B 355 39.29 4.13 -11.11
N ILE B 356 38.09 3.81 -11.59
CA ILE B 356 37.66 2.41 -11.66
C ILE B 356 37.99 1.88 -13.05
N ASP B 357 38.76 0.77 -13.10
CA ASP B 357 39.10 0.17 -14.38
C ASP B 357 37.91 -0.55 -14.99
N ARG B 358 37.23 -1.38 -14.20
CA ARG B 358 35.95 -1.93 -14.60
C ARG B 358 35.13 -2.10 -13.33
N GLY B 359 33.87 -1.67 -13.40
CA GLY B 359 32.99 -1.68 -12.24
C GLY B 359 31.57 -1.34 -12.63
N TYR B 360 30.72 -1.16 -11.63
CA TYR B 360 29.36 -0.72 -11.93
C TYR B 360 28.89 0.37 -10.97
N LEU B 361 28.13 1.34 -11.51
CA LEU B 361 27.36 2.31 -10.73
C LEU B 361 25.94 1.78 -10.62
N VAL B 362 25.52 1.42 -9.42
CA VAL B 362 24.20 0.84 -9.17
C VAL B 362 23.30 1.97 -8.70
N ASP B 363 22.31 2.31 -9.52
CA ASP B 363 21.38 3.39 -9.23
C ASP B 363 20.08 2.92 -8.60
N GLY B 364 19.55 1.78 -9.04
CA GLY B 364 18.33 1.25 -8.47
C GLY B 364 18.41 -0.26 -8.32
N LEU B 365 17.46 -0.78 -7.54
CA LEU B 365 17.34 -2.21 -7.31
C LEU B 365 15.97 -2.68 -7.79
N GLN B 366 15.56 -2.26 -8.98
CA GLN B 366 14.24 -2.65 -9.52
C GLN B 366 14.33 -4.05 -10.10
N GLY B 367 13.69 -5.01 -9.44
CA GLY B 367 13.74 -6.40 -9.86
C GLY B 367 13.46 -7.29 -8.67
N ALA B 368 13.47 -8.60 -8.95
CA ALA B 368 13.17 -9.59 -7.92
C ALA B 368 14.16 -9.46 -6.75
N HIS B 369 13.63 -9.60 -5.54
CA HIS B 369 14.44 -9.38 -4.35
C HIS B 369 13.88 -10.21 -3.20
N SER B 370 14.78 -10.60 -2.30
CA SER B 370 14.44 -11.23 -1.03
C SER B 370 15.44 -10.75 0.00
N SER B 371 15.02 -10.72 1.27
CA SER B 371 15.91 -10.30 2.35
C SER B 371 15.50 -10.95 3.66
N ASN B 372 16.47 -11.10 4.56
CA ASN B 372 16.25 -11.64 5.89
C ASN B 372 17.00 -10.73 6.86
N PRO B 373 16.29 -9.82 7.54
CA PRO B 373 16.94 -8.96 8.54
C PRO B 373 17.41 -9.70 9.77
N ASP B 374 16.91 -10.93 9.99
CA ASP B 374 17.35 -11.73 11.13
C ASP B 374 18.83 -12.08 11.05
N ASN B 375 19.38 -12.26 9.84
CA ASN B 375 20.80 -12.51 9.66
C ASN B 375 21.48 -11.56 8.68
N GLY B 376 20.74 -10.67 8.03
CA GLY B 376 21.33 -9.77 7.06
C GLY B 376 21.43 -10.30 5.66
N ASN B 377 20.77 -11.42 5.35
CA ASN B 377 20.94 -12.01 4.03
C ASN B 377 20.06 -11.29 3.01
N PHE B 378 20.53 -11.21 1.78
CA PHE B 378 19.75 -10.51 0.76
C PHE B 378 20.08 -11.04 -0.63
N ALA B 379 19.14 -10.84 -1.54
CA ALA B 379 19.35 -11.07 -2.97
C ALA B 379 18.51 -10.06 -3.74
N VAL B 380 19.16 -9.20 -4.51
CA VAL B 380 18.48 -8.13 -5.24
C VAL B 380 18.96 -8.11 -6.69
N THR B 381 18.21 -7.39 -7.51
CA THR B 381 18.55 -7.17 -8.92
C THR B 381 19.00 -5.73 -9.07
N ALA B 382 20.22 -5.53 -9.57
CA ALA B 382 20.72 -4.17 -9.80
C ALA B 382 20.15 -3.67 -11.11
N ASN B 383 19.27 -2.66 -11.03
CA ASN B 383 18.59 -2.13 -12.19
C ASN B 383 17.85 -0.85 -11.82
N PRO B 384 18.16 0.28 -12.45
CA PRO B 384 19.23 0.44 -13.46
C PRO B 384 20.64 0.45 -12.88
N ALA B 385 21.60 -0.09 -13.65
CA ALA B 385 23.02 -0.09 -13.30
C ALA B 385 23.82 0.26 -14.55
N PHE B 386 25.00 0.82 -14.35
CA PHE B 386 25.79 1.37 -15.44
C PHE B 386 27.23 0.89 -15.38
N LEU B 387 27.70 0.29 -16.47
CA LEU B 387 29.06 -0.24 -16.57
C LEU B 387 30.07 0.89 -16.65
N ILE B 388 31.12 0.79 -15.83
CA ILE B 388 32.24 1.71 -15.86
C ILE B 388 33.45 0.98 -16.41
N GLU B 389 34.09 1.55 -17.44
CA GLU B 389 35.32 1.01 -18.00
C GLU B 389 36.34 2.13 -18.12
N ASP B 390 37.49 1.96 -17.47
CA ASP B 390 38.58 2.93 -17.46
C ASP B 390 38.07 4.34 -17.16
N GLY B 391 37.29 4.45 -16.08
CA GLY B 391 36.84 5.75 -15.59
C GLY B 391 35.73 6.40 -16.40
N GLU B 392 35.00 5.64 -17.22
CA GLU B 392 33.94 6.20 -18.04
C GLU B 392 32.76 5.24 -18.11
N VAL B 393 31.54 5.79 -18.00
CA VAL B 393 30.33 4.99 -18.06
C VAL B 393 30.07 4.57 -19.50
N LYS B 394 29.87 3.27 -19.72
CA LYS B 394 29.77 2.73 -21.06
C LYS B 394 28.37 2.34 -21.49
N GLY B 395 27.45 2.14 -20.56
CA GLY B 395 26.12 1.68 -20.91
C GLY B 395 25.43 1.11 -19.70
N SER B 396 24.24 0.57 -19.95
CA SER B 396 23.44 0.04 -18.85
C SER B 396 23.52 -1.48 -18.83
N ALA B 397 23.22 -2.05 -17.66
CA ALA B 397 23.29 -3.48 -17.45
C ALA B 397 22.32 -3.89 -16.35
N VAL B 398 22.03 -5.19 -16.31
CA VAL B 398 21.26 -5.81 -15.25
C VAL B 398 22.04 -7.00 -14.75
N PHE B 399 22.19 -7.11 -13.42
CA PHE B 399 22.82 -8.27 -12.83
C PHE B 399 22.21 -8.51 -11.45
N LEU B 400 22.63 -9.59 -10.80
CA LEU B 400 22.14 -9.98 -9.49
C LEU B 400 23.23 -9.77 -8.45
N ILE B 401 22.83 -9.31 -7.26
CA ILE B 401 23.72 -9.24 -6.11
C ILE B 401 23.08 -10.04 -4.98
N ALA B 402 23.76 -11.11 -4.55
CA ALA B 402 23.27 -11.91 -3.45
C ALA B 402 24.38 -12.06 -2.44
N GLY B 403 24.02 -12.02 -1.16
CA GLY B 403 25.04 -12.13 -0.12
C GLY B 403 24.48 -11.72 1.21
N ASN B 404 25.32 -11.10 2.02
CA ASN B 404 24.95 -10.69 3.36
C ASN B 404 25.38 -9.25 3.57
N VAL B 405 24.47 -8.43 4.09
CA VAL B 405 24.71 -6.99 4.14
C VAL B 405 25.91 -6.66 5.01
N TYR B 406 26.19 -7.48 6.04
CA TYR B 406 27.35 -7.22 6.90
C TYR B 406 28.65 -7.49 6.15
N GLU B 407 28.70 -8.59 5.39
CA GLU B 407 29.87 -8.82 4.53
C GLU B 407 30.03 -7.68 3.55
N LEU B 408 28.92 -7.22 2.95
CA LEU B 408 28.98 -6.09 2.04
C LEU B 408 29.55 -4.85 2.74
N LEU B 409 29.08 -4.56 3.95
CA LEU B 409 29.55 -3.37 4.67
C LEU B 409 31.05 -3.45 4.95
N GLN B 410 31.59 -4.67 5.10
CA GLN B 410 33.02 -4.78 5.29
C GLN B 410 33.81 -4.38 4.03
N GLN B 411 33.17 -4.35 2.87
CA GLN B 411 33.82 -4.02 1.61
C GLN B 411 33.81 -2.52 1.30
N ALA B 412 33.21 -1.69 2.14
CA ALA B 412 33.13 -0.27 1.84
C ALA B 412 34.51 0.35 1.88
N SER B 413 34.93 0.95 0.77
CA SER B 413 36.25 1.59 0.73
C SER B 413 36.20 3.10 0.76
N GLU B 414 35.14 3.74 0.25
CA GLU B 414 35.05 5.18 0.44
C GLU B 414 33.61 5.65 0.17
N VAL B 415 33.32 6.84 0.65
CA VAL B 415 32.03 7.48 0.45
C VAL B 415 32.25 8.84 -0.19
N SER B 416 31.36 9.22 -1.09
CA SER B 416 31.46 10.49 -1.80
C SER B 416 31.31 11.67 -0.86
N LYS B 417 31.55 12.86 -1.42
CA LYS B 417 31.52 14.11 -0.68
C LYS B 417 30.09 14.65 -0.48
N GLU B 418 29.18 14.40 -1.40
CA GLU B 418 27.84 14.97 -1.32
C GLU B 418 26.93 14.07 -0.49
N GLN B 419 25.86 14.66 0.05
CA GLN B 419 24.82 13.91 0.74
C GLN B 419 23.48 14.24 0.11
N THR B 420 22.69 13.21 -0.17
CA THR B 420 21.36 13.34 -0.76
C THR B 420 20.33 12.86 0.25
N VAL B 421 19.22 13.61 0.36
CA VAL B 421 18.09 13.23 1.20
C VAL B 421 17.14 12.36 0.39
N MET B 422 16.94 11.13 0.86
CA MET B 422 15.97 10.20 0.34
C MET B 422 14.68 10.34 1.13
N PRO B 423 13.66 10.89 0.52
CA PRO B 423 12.40 11.08 1.21
C PRO B 423 11.58 9.79 1.32
N PHE B 424 11.81 8.84 0.45
CA PHE B 424 11.02 7.57 0.45
C PHE B 424 11.60 6.60 1.48
N MET B 425 10.80 5.63 1.91
CA MET B 425 11.15 4.61 2.92
C MET B 425 11.54 5.35 4.21
N ASN B 426 12.60 4.91 4.87
CA ASN B 426 13.07 5.68 6.05
C ASN B 426 13.75 6.91 5.47
N THR B 427 13.52 8.11 5.98
CA THR B 427 14.27 9.23 5.44
C THR B 427 15.76 8.96 5.63
N MET B 428 16.51 8.98 4.54
CA MET B 428 17.93 8.67 4.65
C MET B 428 18.76 9.77 4.03
N ILE B 429 19.79 10.22 4.73
CA ILE B 429 20.70 11.23 4.23
C ILE B 429 22.03 10.52 3.99
N THR B 430 22.41 10.39 2.73
CA THR B 430 23.53 9.49 2.43
C THR B 430 24.32 9.95 1.22
N PRO B 431 25.60 9.58 1.15
CA PRO B 431 26.37 9.78 -0.09
C PRO B 431 26.34 8.54 -0.97
N HIS B 432 27.13 8.53 -2.03
CA HIS B 432 27.39 7.27 -2.72
C HIS B 432 28.44 6.48 -1.94
N ILE B 433 28.33 5.15 -2.01
CA ILE B 433 29.28 4.29 -1.32
C ILE B 433 29.95 3.37 -2.34
N LYS B 434 31.28 3.35 -2.34
CA LYS B 434 32.03 2.42 -3.17
C LYS B 434 32.35 1.17 -2.37
N PHE B 435 31.94 0.02 -2.87
CA PHE B 435 32.21 -1.28 -2.29
C PHE B 435 33.26 -2.01 -3.14
N GLU B 436 34.28 -2.56 -2.47
CA GLU B 436 35.37 -3.25 -3.16
C GLU B 436 35.04 -4.71 -3.40
N ASN B 437 35.37 -5.18 -4.61
CA ASN B 437 35.27 -6.58 -5.00
C ASN B 437 34.02 -7.27 -4.48
N VAL B 438 32.87 -6.90 -5.03
CA VAL B 438 31.58 -7.55 -4.80
C VAL B 438 31.40 -8.64 -5.85
N LYS B 439 30.90 -9.80 -5.44
CA LYS B 439 30.63 -10.88 -6.37
C LYS B 439 29.24 -10.73 -6.96
N ILE B 440 29.17 -10.56 -8.27
CA ILE B 440 27.92 -10.37 -8.99
C ILE B 440 27.76 -11.50 -10.00
N ALA B 441 26.50 -11.88 -10.21
CA ALA B 441 26.10 -12.89 -11.17
C ALA B 441 25.43 -12.22 -12.35
N GLY B 442 25.82 -12.60 -13.56
CA GLY B 442 25.17 -12.11 -14.76
C GLY B 442 23.84 -12.79 -15.00
#